data_3HOT
#
_entry.id   3HOT
#
_cell.length_a   120.294
_cell.length_b   84.989
_cell.length_c   132.116
_cell.angle_alpha   90.00
_cell.angle_beta   99.21
_cell.angle_gamma   90.00
#
_symmetry.space_group_name_H-M   'P 1 21 1'
#
loop_
_entity.id
_entity.type
_entity.pdbx_description
1 polymer 'Transposable element mariner, complete cds'
2 polymer 'Mos1 NTS inverted repeat DNA'
3 polymer 'Mos1 TS inverted repeat DNA'
4 non-polymer 'MANGANESE (II) ION'
5 non-polymer 'SULFATE ION'
6 water water
#
loop_
_entity_poly.entity_id
_entity_poly.type
_entity_poly.pdbx_seq_one_letter_code
_entity_poly.pdbx_strand_id
1 'polypeptide(L)'
;MSSFVPNKEQTRTVLIFCFHLKKTAAESHRMLVEAFGEQVPTVKTCERWFQRFKSGDFDVDDKEHGKPPKRYEDAELQAL
LDEDDAQTQKQLAEQLEVSQQAVSNRLREMGKIQKVGRWVPHELNERQMERRKNTCEILLSRYKRKSFLHRIVTGDEKWI
FFVNPKRKKSYVDPGQPATSTARPNRFGKKTMLCVWWDQSGVIYYELLKPGETVNAARYQQQLINLNRALQRKRPEYQKR
QHRVIFLHDNAPSHTARAVRDTLETLNWEVLPHAAYSPDLAPSDYHLFASMGHALAEQRFDSYESVKKWLDEWFAAKDDE
FYWRGIHKLPERWEKCVASDGKYFE
;
A,B
2 'polydeoxyribonucleotide'
;(DG)(DG)(DT)(DG)(DT)(DA)(DC)(DA)(DA)(DG)(DT)(DA)(5IU)(DG)(DA)(DA)(DA)(DT)(DG)
(DT)(DC)(DG)(DT)(DT)(DT)
;
C,E,G
3 'polydeoxyribonucleotide'
;(DA)(DA)(DA)(DC)(DG)(DA)(DC)(DA)(DT)(DT)(DT)(DC)(DA)(DT)(DA)(DC)(DT)(DT)(DG)(DT)
(DA)(DC)(DA)(DC)(DC)(DT)(DG)(DA)
;
D,F,H
#
loop_
_chem_comp.id
_chem_comp.type
_chem_comp.name
_chem_comp.formula
5IU DNA linking 5-IODO-2'-DEOXYURIDINE-5'-MONOPHOSPHATE 'C9 H12 I N2 O8 P'
DA DNA linking 2'-DEOXYADENOSINE-5'-MONOPHOSPHATE 'C10 H14 N5 O6 P'
DC DNA linking 2'-DEOXYCYTIDINE-5'-MONOPHOSPHATE 'C9 H14 N3 O7 P'
DG DNA linking 2'-DEOXYGUANOSINE-5'-MONOPHOSPHATE 'C10 H14 N5 O7 P'
DT DNA linking THYMIDINE-5'-MONOPHOSPHATE 'C10 H15 N2 O8 P'
MN non-polymer 'MANGANESE (II) ION' 'Mn 2'
SO4 non-polymer 'SULFATE ION' 'O4 S -2'
#
# COMPACT_ATOMS: atom_id res chain seq x y z
N VAL A 5 4.41 28.01 48.43
CA VAL A 5 5.04 26.80 47.84
C VAL A 5 5.70 27.19 46.48
N PRO A 6 7.00 26.77 46.27
CA PRO A 6 7.88 27.25 45.18
C PRO A 6 8.21 26.24 44.08
N ASN A 7 9.00 26.69 43.10
CA ASN A 7 9.51 25.84 42.00
C ASN A 7 10.83 26.38 41.40
N LYS A 8 11.69 25.49 40.93
CA LYS A 8 13.07 25.85 40.54
C LYS A 8 13.22 26.77 39.33
N GLU A 9 12.11 27.00 38.63
CA GLU A 9 12.08 28.04 37.59
C GLU A 9 11.55 29.32 38.23
N GLN A 10 10.40 29.22 38.88
CA GLN A 10 9.81 30.31 39.65
C GLN A 10 10.83 30.91 40.60
N THR A 11 11.58 30.06 41.28
CA THR A 11 12.70 30.48 42.13
C THR A 11 13.62 31.42 41.39
N ARG A 12 14.15 30.97 40.26
CA ARG A 12 14.99 31.82 39.43
C ARG A 12 14.31 33.18 39.14
N THR A 13 13.02 33.14 38.80
CA THR A 13 12.24 34.36 38.57
C THR A 13 12.31 35.34 39.75
N VAL A 14 11.89 34.90 40.93
CA VAL A 14 11.97 35.73 42.13
C VAL A 14 13.31 36.45 42.19
N LEU A 15 14.39 35.70 41.98
CA LEU A 15 15.74 36.24 42.08
C LEU A 15 16.05 37.33 41.06
N ILE A 16 15.37 37.30 39.92
CA ILE A 16 15.47 38.36 38.90
C ILE A 16 14.89 39.64 39.49
N PHE A 17 13.75 39.46 40.15
CA PHE A 17 13.06 40.50 40.89
C PHE A 17 13.96 40.99 42.02
N CYS A 18 14.25 40.11 42.98
CA CYS A 18 15.13 40.42 44.12
C CYS A 18 16.42 41.11 43.71
N PHE A 19 16.83 40.88 42.46
CA PHE A 19 18.00 41.52 41.89
C PHE A 19 17.68 42.97 41.54
N HIS A 20 16.63 43.14 40.73
CA HIS A 20 16.17 44.45 40.27
C HIS A 20 15.70 45.40 41.37
N LEU A 21 15.78 44.93 42.62
CA LEU A 21 15.52 45.74 43.79
C LEU A 21 16.83 46.13 44.45
N LYS A 22 17.94 45.95 43.73
CA LYS A 22 19.27 46.23 44.28
C LYS A 22 19.51 45.51 45.62
N LYS A 23 19.29 44.19 45.63
CA LYS A 23 19.49 43.41 46.86
C LYS A 23 20.58 42.36 46.72
N THR A 24 21.38 42.19 47.77
CA THR A 24 22.51 41.25 47.82
C THR A 24 22.03 39.81 47.71
N ALA A 25 22.95 38.92 47.37
CA ALA A 25 22.64 37.50 47.37
C ALA A 25 22.10 37.09 48.73
N ALA A 26 22.84 37.39 49.79
CA ALA A 26 22.42 37.08 51.14
C ALA A 26 21.02 37.62 51.44
N GLU A 27 20.87 38.95 51.50
CA GLU A 27 19.58 39.54 51.87
C GLU A 27 18.47 39.10 50.89
N SER A 28 18.86 38.57 49.72
CA SER A 28 17.91 37.92 48.78
C SER A 28 17.50 36.52 49.21
N HIS A 29 18.50 35.72 49.61
CA HIS A 29 18.27 34.35 50.03
C HIS A 29 17.36 34.28 51.23
N ARG A 30 17.60 35.13 52.23
CA ARG A 30 16.81 35.11 53.46
C ARG A 30 15.38 35.59 53.26
N MET A 31 15.16 36.34 52.18
CA MET A 31 13.82 36.67 51.75
C MET A 31 13.13 35.37 51.49
N LEU A 32 13.67 34.67 50.49
CA LEU A 32 13.15 33.43 50.00
C LEU A 32 12.75 32.52 51.15
N VAL A 33 13.70 32.30 52.07
CA VAL A 33 13.52 31.37 53.16
C VAL A 33 12.38 31.78 54.09
N GLU A 34 12.14 33.08 54.21
CA GLU A 34 11.06 33.57 55.07
C GLU A 34 9.73 33.55 54.34
N ALA A 35 9.75 33.73 53.04
CA ALA A 35 8.50 33.79 52.29
C ALA A 35 7.99 32.39 52.10
N PHE A 36 8.90 31.48 51.70
CA PHE A 36 8.49 30.15 51.30
C PHE A 36 8.81 29.05 52.30
N GLY A 37 9.90 29.23 53.06
CA GLY A 37 10.37 28.21 54.00
C GLY A 37 11.66 27.52 53.57
N GLU A 38 12.21 26.72 54.49
CA GLU A 38 13.56 26.13 54.38
C GLU A 38 13.92 25.33 53.11
N GLN A 39 12.94 24.74 52.43
CA GLN A 39 13.25 24.06 51.17
C GLN A 39 13.27 25.09 50.03
N VAL A 40 14.47 25.57 49.73
CA VAL A 40 14.68 26.61 48.72
C VAL A 40 16.20 26.75 48.50
N PRO A 41 16.65 26.81 47.23
CA PRO A 41 18.06 26.73 46.84
C PRO A 41 19.07 27.35 47.79
N THR A 42 20.34 27.02 47.61
CA THR A 42 21.36 27.49 48.52
C THR A 42 21.67 28.94 48.25
N VAL A 43 22.08 29.67 49.29
CA VAL A 43 22.72 30.96 49.13
C VAL A 43 23.73 30.87 47.98
N LYS A 44 24.59 29.84 48.01
CA LYS A 44 25.54 29.52 46.94
C LYS A 44 24.91 29.49 45.56
N THR A 45 23.69 28.96 45.47
CA THR A 45 22.99 28.95 44.21
C THR A 45 22.46 30.34 43.84
N CYS A 46 22.26 31.20 44.83
CA CYS A 46 21.85 32.55 44.56
C CYS A 46 23.02 33.37 44.05
N GLU A 47 24.12 33.29 44.80
CA GLU A 47 25.38 33.93 44.41
C GLU A 47 25.74 33.54 42.97
N ARG A 48 25.43 32.30 42.63
CA ARG A 48 25.69 31.72 41.32
C ARG A 48 24.92 32.50 40.28
N TRP A 49 23.61 32.54 40.46
CA TRP A 49 22.72 33.24 39.57
C TRP A 49 23.10 34.71 39.47
N PHE A 50 23.49 35.30 40.60
CA PHE A 50 23.87 36.72 40.61
C PHE A 50 24.94 37.03 39.57
N GLN A 51 26.05 36.31 39.62
CA GLN A 51 27.09 36.47 38.61
C GLN A 51 26.51 36.47 37.19
N ARG A 52 25.58 35.56 36.88
CA ARG A 52 24.94 35.52 35.57
C ARG A 52 24.08 36.74 35.28
N PHE A 53 23.51 37.32 36.32
CA PHE A 53 22.69 38.50 36.12
C PHE A 53 23.52 39.71 35.74
N LYS A 54 24.72 39.82 36.30
CA LYS A 54 25.58 40.97 36.04
C LYS A 54 26.16 40.95 34.62
N SER A 55 26.03 39.81 33.95
CA SER A 55 26.18 39.73 32.49
C SER A 55 24.86 40.10 31.84
N GLY A 56 23.77 39.68 32.48
CA GLY A 56 22.41 39.96 32.01
C GLY A 56 21.88 38.79 31.21
N ASP A 57 20.68 38.33 31.57
CA ASP A 57 19.96 37.30 30.80
C ASP A 57 18.63 36.89 31.42
N PHE A 58 17.82 36.25 30.56
CA PHE A 58 16.75 35.36 30.98
C PHE A 58 17.30 33.98 30.64
N ASP A 59 17.81 33.26 31.64
CA ASP A 59 18.18 31.88 31.42
C ASP A 59 16.90 31.02 31.39
N VAL A 60 16.09 31.19 30.35
CA VAL A 60 14.81 30.44 30.20
C VAL A 60 15.01 28.94 30.40
N ASP A 61 16.09 28.41 29.81
CA ASP A 61 16.46 27.02 29.96
C ASP A 61 17.89 26.87 30.48
N ASP A 62 18.14 25.68 31.01
CA ASP A 62 19.50 25.18 31.18
C ASP A 62 20.03 24.98 29.77
N LYS A 63 21.34 25.13 29.59
CA LYS A 63 21.97 24.68 28.35
C LYS A 63 21.95 23.14 28.32
N GLU A 64 21.91 22.58 27.12
CA GLU A 64 21.78 21.14 26.95
C GLU A 64 22.75 20.42 27.91
N HIS A 65 22.19 19.51 28.71
CA HIS A 65 22.98 18.68 29.63
C HIS A 65 23.97 17.77 28.89
N GLY A 66 24.58 16.86 29.64
CA GLY A 66 25.42 15.84 29.05
C GLY A 66 24.54 14.78 28.43
N LYS A 67 25.09 14.09 27.43
CA LYS A 67 24.37 13.12 26.63
C LYS A 67 25.34 12.09 26.05
N PRO A 68 24.87 10.84 25.85
CA PRO A 68 25.64 9.79 25.18
C PRO A 68 26.18 10.25 23.83
N PRO A 69 27.36 9.74 23.43
CA PRO A 69 27.79 10.14 22.10
C PRO A 69 27.10 9.22 21.10
N LYS A 70 26.75 9.75 19.94
CA LYS A 70 26.10 8.94 18.91
C LYS A 70 27.02 7.79 18.48
N ARG A 71 26.44 6.62 18.23
CA ARG A 71 27.22 5.44 17.83
C ARG A 71 27.48 5.43 16.33
N TYR A 72 26.58 6.06 15.59
CA TYR A 72 26.76 6.32 14.17
C TYR A 72 26.09 7.64 13.94
N GLU A 73 26.78 8.59 13.34
CA GLU A 73 26.11 9.85 13.07
C GLU A 73 25.41 9.79 11.71
N ASP A 74 24.63 10.82 11.41
CA ASP A 74 23.73 10.79 10.28
C ASP A 74 24.46 10.42 9.00
N ALA A 75 25.34 11.30 8.55
CA ALA A 75 26.04 11.16 7.28
C ALA A 75 26.56 9.76 6.95
N GLU A 76 26.63 8.88 7.96
CA GLU A 76 27.07 7.49 7.80
C GLU A 76 25.99 6.59 7.22
N LEU A 77 24.81 6.66 7.83
CA LEU A 77 23.64 5.89 7.43
C LEU A 77 23.16 6.42 6.09
N GLN A 78 23.24 7.74 5.91
CA GLN A 78 22.90 8.37 4.64
C GLN A 78 23.71 7.75 3.49
N ALA A 79 24.98 7.47 3.77
CA ALA A 79 25.85 6.86 2.79
C ALA A 79 25.48 5.40 2.45
N LEU A 80 24.69 4.76 3.32
CA LEU A 80 24.25 3.39 3.07
C LEU A 80 23.10 3.30 2.07
N LEU A 81 22.19 4.27 2.15
CA LEU A 81 21.08 4.37 1.23
C LEU A 81 21.62 4.80 -0.14
N ASP A 82 22.70 5.58 -0.12
CA ASP A 82 23.38 5.96 -1.34
C ASP A 82 23.97 4.76 -2.07
N GLU A 83 24.43 3.76 -1.33
CA GLU A 83 24.77 2.46 -1.92
C GLU A 83 23.52 1.88 -2.55
N ASP A 84 22.64 1.38 -1.70
CA ASP A 84 21.38 0.84 -2.16
C ASP A 84 20.17 1.48 -1.46
N ASP A 85 19.41 2.22 -2.27
CA ASP A 85 18.20 2.93 -1.89
C ASP A 85 17.29 2.21 -0.91
N ALA A 86 16.94 0.95 -1.18
CA ALA A 86 15.87 0.27 -0.44
C ALA A 86 16.30 -1.01 0.26
N GLN A 87 16.86 -0.84 1.44
CA GLN A 87 17.15 -1.93 2.35
C GLN A 87 16.17 -1.76 3.48
N THR A 88 15.99 -2.78 4.28
CA THR A 88 15.00 -2.72 5.36
C THR A 88 15.69 -2.32 6.67
N GLN A 89 14.93 -1.73 7.60
CA GLN A 89 15.54 -1.29 8.84
C GLN A 89 16.35 -2.41 9.50
N LYS A 90 15.77 -3.60 9.65
CA LYS A 90 16.48 -4.75 10.23
C LYS A 90 17.89 -4.91 9.65
N GLN A 91 18.08 -4.34 8.48
CA GLN A 91 19.13 -4.73 7.58
C GLN A 91 20.22 -3.66 7.46
N LEU A 92 19.82 -2.40 7.55
CA LEU A 92 20.79 -1.33 7.73
C LEU A 92 21.24 -1.40 9.18
N ALA A 93 20.37 -1.93 10.03
CA ALA A 93 20.69 -2.17 11.42
C ALA A 93 21.96 -2.97 11.53
N GLU A 94 21.97 -4.15 10.92
CA GLU A 94 23.13 -5.04 11.00
C GLU A 94 24.41 -4.35 10.54
N GLN A 95 24.34 -3.58 9.46
CA GLN A 95 25.49 -2.83 8.97
C GLN A 95 25.95 -1.69 9.88
N LEU A 96 25.11 -1.30 10.83
CA LEU A 96 25.43 -0.14 11.67
C LEU A 96 25.61 -0.47 13.15
N GLU A 97 25.76 -1.76 13.44
CA GLU A 97 25.99 -2.28 14.79
C GLU A 97 24.79 -2.05 15.73
N VAL A 98 23.83 -1.25 15.28
CA VAL A 98 22.80 -0.75 16.15
C VAL A 98 21.52 -1.56 15.97
N SER A 99 20.56 -1.44 16.90
CA SER A 99 19.29 -2.18 16.81
C SER A 99 18.38 -1.62 15.71
N GLN A 100 17.19 -2.20 15.55
CA GLN A 100 16.22 -1.75 14.53
C GLN A 100 15.50 -0.48 14.93
N GLN A 101 14.84 -0.52 16.07
CA GLN A 101 14.09 0.63 16.54
C GLN A 101 15.04 1.82 16.47
N ALA A 102 16.30 1.53 16.76
CA ALA A 102 17.34 2.51 16.70
C ALA A 102 17.42 3.14 15.31
N VAL A 103 17.31 2.33 14.26
CA VAL A 103 17.44 2.86 12.92
C VAL A 103 16.20 3.63 12.53
N SER A 104 15.02 3.08 12.84
CA SER A 104 13.75 3.76 12.59
C SER A 104 13.84 5.24 12.97
N ASN A 105 14.17 5.48 14.24
CA ASN A 105 14.29 6.81 14.82
C ASN A 105 15.14 7.78 14.03
N ARG A 106 16.36 7.39 13.66
CA ARG A 106 17.18 8.37 13.00
C ARG A 106 16.66 8.66 11.61
N LEU A 107 16.10 7.64 10.99
CA LEU A 107 15.50 7.82 9.69
C LEU A 107 14.38 8.84 9.83
N ARG A 108 13.55 8.68 10.86
CA ARG A 108 12.54 9.67 11.19
C ARG A 108 13.20 11.02 11.46
N GLU A 109 14.27 11.01 12.26
CA GLU A 109 15.01 12.24 12.59
C GLU A 109 15.54 12.94 11.33
N MET A 110 16.23 12.22 10.45
CA MET A 110 16.60 12.74 9.13
C MET A 110 15.31 12.98 8.33
N GLY A 111 15.42 13.55 7.13
CA GLY A 111 14.21 13.88 6.36
C GLY A 111 13.46 12.70 5.75
N LYS A 112 13.92 11.48 6.02
CA LYS A 112 13.64 10.30 5.22
C LYS A 112 12.27 9.71 5.46
N ILE A 113 11.74 9.03 4.44
CA ILE A 113 10.44 8.34 4.44
C ILE A 113 10.43 7.25 3.38
N GLN A 114 9.61 6.22 3.57
CA GLN A 114 9.59 5.12 2.61
C GLN A 114 8.44 5.29 1.65
N LYS A 115 8.69 5.04 0.37
CA LYS A 115 7.63 5.06 -0.63
C LYS A 115 7.71 3.84 -1.53
N VAL A 116 6.55 3.31 -1.90
CA VAL A 116 6.46 2.12 -2.74
C VAL A 116 6.81 2.48 -4.15
N GLY A 117 7.82 1.83 -4.70
CA GLY A 117 8.32 2.19 -6.03
C GLY A 117 7.40 1.88 -7.18
N ARG A 118 7.67 2.49 -8.34
CA ARG A 118 6.78 2.38 -9.50
C ARG A 118 6.95 1.07 -10.27
N TRP A 119 5.87 0.62 -10.90
CA TRP A 119 5.94 -0.52 -11.81
C TRP A 119 6.38 -0.02 -13.17
N VAL A 120 7.25 -0.79 -13.82
CA VAL A 120 7.73 -0.46 -15.15
C VAL A 120 7.18 -1.52 -16.13
N PRO A 121 6.91 -1.15 -17.43
CA PRO A 121 6.28 -2.08 -18.39
C PRO A 121 6.89 -3.46 -18.52
N HIS A 122 8.20 -3.53 -18.58
CA HIS A 122 8.88 -4.77 -19.00
C HIS A 122 10.39 -4.62 -18.79
N GLU A 123 11.12 -5.72 -18.66
CA GLU A 123 12.59 -5.66 -18.55
C GLU A 123 13.26 -5.37 -19.89
N LEU A 124 13.76 -4.14 -20.05
CA LEU A 124 14.32 -3.70 -21.33
C LEU A 124 15.72 -4.19 -21.61
N ASN A 125 16.01 -4.36 -22.89
CA ASN A 125 17.27 -4.91 -23.34
C ASN A 125 18.19 -3.87 -23.96
N GLU A 126 19.48 -3.97 -23.70
CA GLU A 126 20.42 -2.91 -24.09
C GLU A 126 20.28 -2.49 -25.56
N ARG A 127 20.00 -3.46 -26.44
CA ARG A 127 19.58 -3.13 -27.79
C ARG A 127 18.24 -2.39 -27.70
N GLN A 128 17.21 -3.09 -27.21
CA GLN A 128 15.84 -2.55 -27.08
C GLN A 128 15.82 -1.11 -26.60
N MET A 129 16.87 -0.72 -25.88
CA MET A 129 17.01 0.64 -25.41
C MET A 129 17.49 1.54 -26.52
N GLU A 130 18.64 1.23 -27.12
CA GLU A 130 19.14 1.96 -28.29
C GLU A 130 18.03 2.14 -29.33
N ARG A 131 17.14 1.15 -29.39
CA ARG A 131 16.07 1.07 -30.35
C ARG A 131 14.98 2.08 -30.03
N ARG A 132 14.72 2.29 -28.75
CA ARG A 132 13.71 3.27 -28.34
C ARG A 132 14.30 4.65 -28.51
N LYS A 133 15.43 4.86 -27.86
CA LYS A 133 16.15 6.11 -27.91
C LYS A 133 16.14 6.64 -29.34
N ASN A 134 16.42 5.78 -30.30
CA ASN A 134 16.48 6.18 -31.70
C ASN A 134 15.20 6.68 -32.28
N THR A 135 14.17 5.86 -32.21
CA THR A 135 12.86 6.24 -32.66
C THR A 135 12.48 7.59 -32.07
N CYS A 136 12.56 7.70 -30.74
CA CYS A 136 12.35 8.97 -30.04
C CYS A 136 13.24 10.04 -30.68
N GLU A 137 14.55 9.75 -30.76
CA GLU A 137 15.55 10.67 -31.34
C GLU A 137 15.11 11.17 -32.72
N ILE A 138 14.79 10.21 -33.60
CA ILE A 138 14.37 10.46 -34.98
C ILE A 138 13.05 11.24 -35.06
N LEU A 139 12.00 10.70 -34.44
CA LEU A 139 10.69 11.35 -34.45
C LEU A 139 10.74 12.77 -33.92
N LEU A 140 11.63 13.02 -32.98
CA LEU A 140 11.70 14.29 -32.31
C LEU A 140 12.33 15.34 -33.22
N SER A 141 13.36 14.91 -33.95
CA SER A 141 14.03 15.73 -34.92
C SER A 141 13.03 16.15 -35.99
N ARG A 142 12.47 15.14 -36.67
CA ARG A 142 11.38 15.28 -37.65
C ARG A 142 10.19 16.11 -37.16
N TYR A 143 10.04 16.24 -35.84
CA TYR A 143 8.98 17.04 -35.25
C TYR A 143 9.28 18.51 -35.40
N LYS A 144 10.47 18.90 -34.98
CA LYS A 144 10.88 20.30 -34.93
C LYS A 144 11.00 20.95 -36.31
N ARG A 145 11.29 20.17 -37.35
CA ARG A 145 11.29 20.68 -38.72
C ARG A 145 9.92 21.23 -39.07
N LYS A 146 8.87 20.54 -38.64
CA LYS A 146 7.48 20.92 -38.92
C LYS A 146 6.55 20.04 -38.06
N SER A 147 5.81 20.64 -37.14
CA SER A 147 4.88 19.90 -36.29
C SER A 147 3.90 19.07 -37.10
N PHE A 148 3.62 17.86 -36.64
CA PHE A 148 2.75 16.97 -37.39
C PHE A 148 1.73 16.25 -36.53
N LEU A 149 1.62 16.60 -35.25
CA LEU A 149 0.63 15.97 -34.38
C LEU A 149 -0.77 16.26 -34.92
N HIS A 150 -0.93 17.49 -35.39
CA HIS A 150 -2.14 18.00 -36.03
C HIS A 150 -2.71 17.00 -37.05
N ARG A 151 -1.84 16.17 -37.63
CA ARG A 151 -2.20 15.12 -38.59
C ARG A 151 -2.50 13.77 -37.96
N ILE A 152 -1.90 13.51 -36.81
CA ILE A 152 -1.67 12.15 -36.30
C ILE A 152 -2.92 11.42 -35.76
N VAL A 153 -3.22 10.27 -36.35
CA VAL A 153 -4.30 9.43 -35.86
C VAL A 153 -3.72 8.17 -35.27
N THR A 154 -4.12 7.91 -34.03
CA THR A 154 -3.56 6.83 -33.26
C THR A 154 -4.66 5.99 -32.64
N GLY A 155 -4.31 4.76 -32.31
CA GLY A 155 -5.24 3.82 -31.72
C GLY A 155 -4.59 2.60 -31.11
N ASP A 156 -5.29 1.99 -30.16
CA ASP A 156 -4.88 0.72 -29.60
C ASP A 156 -6.11 -0.08 -29.18
N GLU A 157 -5.89 -1.02 -28.26
CA GLU A 157 -6.88 -2.00 -27.86
C GLU A 157 -6.60 -2.43 -26.45
N LYS A 158 -7.63 -2.40 -25.61
CA LYS A 158 -7.53 -2.74 -24.20
C LYS A 158 -8.76 -3.52 -23.79
N TRP A 159 -8.60 -4.44 -22.84
CA TRP A 159 -9.72 -5.22 -22.33
C TRP A 159 -10.60 -4.39 -21.44
N ILE A 160 -11.89 -4.64 -21.43
CA ILE A 160 -12.72 -4.06 -20.42
C ILE A 160 -13.35 -5.17 -19.62
N PHE A 161 -12.82 -5.43 -18.44
CA PHE A 161 -13.39 -6.46 -17.60
C PHE A 161 -14.84 -6.08 -17.23
N PHE A 162 -15.68 -7.07 -17.02
CA PHE A 162 -17.10 -6.80 -16.77
C PHE A 162 -17.36 -6.40 -15.33
N VAL A 163 -16.54 -6.91 -14.43
CA VAL A 163 -16.53 -6.43 -13.06
C VAL A 163 -15.09 -6.00 -12.68
N ASN A 164 -14.96 -4.83 -12.05
CA ASN A 164 -13.66 -4.30 -11.65
C ASN A 164 -13.55 -4.01 -10.15
N PRO A 165 -13.27 -5.05 -9.33
CA PRO A 165 -13.12 -4.81 -7.91
C PRO A 165 -11.72 -4.36 -7.57
N LYS A 166 -11.61 -3.70 -6.43
CA LYS A 166 -10.36 -3.18 -5.90
C LYS A 166 -10.57 -3.05 -4.39
N ARG A 167 -9.50 -3.26 -3.66
CA ARG A 167 -9.57 -3.44 -2.22
C ARG A 167 -10.05 -2.16 -1.59
N LYS A 168 -11.01 -2.26 -0.68
CA LYS A 168 -11.57 -1.07 -0.05
C LYS A 168 -10.75 -0.67 1.18
N LYS A 169 -10.50 0.63 1.39
CA LYS A 169 -9.75 1.06 2.58
C LYS A 169 -10.69 1.69 3.63
N SER A 170 -10.59 1.23 4.88
CA SER A 170 -11.51 1.66 5.93
C SER A 170 -10.85 2.46 7.04
N TYR A 171 -11.56 3.49 7.53
CA TYR A 171 -11.16 4.30 8.69
C TYR A 171 -11.77 3.71 9.94
N VAL A 172 -10.92 3.09 10.75
CA VAL A 172 -11.36 2.35 11.92
C VAL A 172 -10.34 2.45 13.06
N ASP A 173 -10.70 2.07 14.28
CA ASP A 173 -9.73 2.16 15.40
C ASP A 173 -8.73 1.02 15.28
N PRO A 174 -7.49 1.19 15.78
CA PRO A 174 -6.43 0.22 15.51
C PRO A 174 -6.82 -1.17 15.95
N GLY A 175 -6.46 -2.16 15.16
CA GLY A 175 -6.90 -3.54 15.39
C GLY A 175 -8.39 -3.72 15.21
N GLN A 176 -8.86 -3.59 13.99
CA GLN A 176 -10.21 -3.93 13.62
C GLN A 176 -10.12 -4.36 12.18
N PRO A 177 -11.05 -5.22 11.78
CA PRO A 177 -11.20 -5.56 10.39
C PRO A 177 -11.59 -4.33 9.53
N ALA A 178 -10.86 -4.15 8.44
CA ALA A 178 -11.25 -3.17 7.44
C ALA A 178 -12.03 -3.89 6.36
N THR A 179 -13.09 -3.25 5.86
CA THR A 179 -14.01 -3.85 4.87
C THR A 179 -13.35 -4.66 3.74
N SER A 180 -13.63 -5.96 3.70
CA SER A 180 -12.92 -6.84 2.79
C SER A 180 -13.72 -7.13 1.55
N THR A 181 -13.04 -7.37 0.44
CA THR A 181 -13.74 -7.58 -0.83
C THR A 181 -13.29 -8.78 -1.65
N ALA A 182 -14.28 -9.44 -2.24
CA ALA A 182 -14.09 -10.70 -2.93
C ALA A 182 -13.38 -10.56 -4.26
N ARG A 183 -12.40 -11.42 -4.46
CA ARG A 183 -11.51 -11.40 -5.61
C ARG A 183 -12.20 -11.30 -6.96
N PRO A 184 -11.53 -10.59 -7.89
CA PRO A 184 -11.92 -10.59 -9.28
C PRO A 184 -11.45 -11.90 -9.93
N ASN A 185 -12.36 -12.55 -10.64
CA ASN A 185 -11.99 -13.73 -11.41
C ASN A 185 -11.11 -13.42 -12.65
N ARG A 186 -9.99 -14.15 -12.81
CA ARG A 186 -9.07 -13.91 -13.96
C ARG A 186 -9.68 -14.31 -15.33
N PHE A 187 -10.51 -15.34 -15.30
CA PHE A 187 -11.14 -15.90 -16.49
C PHE A 187 -12.60 -15.52 -16.51
N GLY A 188 -12.87 -14.24 -16.32
CA GLY A 188 -14.23 -13.77 -16.25
C GLY A 188 -14.66 -13.16 -17.56
N LYS A 189 -15.95 -12.88 -17.64
CA LYS A 189 -16.58 -12.19 -18.76
C LYS A 189 -15.87 -10.87 -19.02
N LYS A 190 -15.47 -10.63 -20.27
CA LYS A 190 -14.82 -9.36 -20.67
C LYS A 190 -14.91 -9.10 -22.17
N THR A 191 -15.20 -7.86 -22.54
CA THR A 191 -15.13 -7.46 -23.95
C THR A 191 -13.75 -6.91 -24.28
N MET A 192 -13.59 -6.43 -25.50
CA MET A 192 -12.33 -5.92 -25.96
C MET A 192 -12.59 -4.71 -26.81
N LEU A 193 -12.12 -3.58 -26.29
CA LEU A 193 -12.33 -2.31 -26.92
C LEU A 193 -11.14 -1.96 -27.79
N CYS A 194 -11.40 -1.66 -29.06
CA CYS A 194 -10.41 -0.98 -29.88
C CYS A 194 -10.97 0.30 -30.48
N VAL A 195 -10.18 1.34 -30.28
CA VAL A 195 -10.58 2.70 -30.54
C VAL A 195 -9.38 3.42 -31.16
N TRP A 196 -9.70 4.25 -32.14
CA TRP A 196 -8.75 5.09 -32.79
C TRP A 196 -9.26 6.51 -32.59
N TRP A 197 -8.35 7.44 -32.32
CA TRP A 197 -8.72 8.83 -32.07
C TRP A 197 -7.64 9.74 -32.59
N ASP A 198 -7.97 11.00 -32.80
CA ASP A 198 -6.95 11.97 -33.18
C ASP A 198 -7.02 13.16 -32.26
N GLN A 199 -6.15 14.15 -32.49
CA GLN A 199 -6.01 15.27 -31.58
C GLN A 199 -7.35 15.97 -31.18
N SER A 200 -8.33 15.93 -32.09
CA SER A 200 -9.63 16.61 -31.91
C SER A 200 -10.56 15.77 -31.07
N GLY A 201 -10.88 14.57 -31.54
CA GLY A 201 -11.71 13.66 -30.76
C GLY A 201 -11.48 12.19 -31.06
N VAL A 202 -12.46 11.38 -30.67
CA VAL A 202 -12.46 9.96 -31.01
C VAL A 202 -13.13 9.70 -32.37
N ILE A 203 -12.34 9.14 -33.29
CA ILE A 203 -12.76 8.93 -34.68
C ILE A 203 -13.76 7.79 -34.83
N TYR A 204 -13.38 6.61 -34.36
CA TYR A 204 -14.17 5.38 -34.51
C TYR A 204 -13.67 4.31 -33.56
N TYR A 205 -14.59 3.53 -32.98
CA TYR A 205 -14.21 2.41 -32.12
C TYR A 205 -15.12 1.19 -32.26
N GLU A 206 -14.49 0.02 -32.17
CA GLU A 206 -15.21 -1.25 -32.16
C GLU A 206 -15.13 -1.85 -30.77
N LEU A 207 -16.17 -2.60 -30.38
CA LEU A 207 -16.18 -3.32 -29.12
C LEU A 207 -16.35 -4.83 -29.31
N LEU A 208 -15.25 -5.53 -29.56
CA LEU A 208 -15.21 -6.95 -29.89
C LEU A 208 -15.91 -7.86 -28.89
N LYS A 209 -16.97 -8.53 -29.34
CA LYS A 209 -17.88 -9.30 -28.47
C LYS A 209 -17.18 -10.36 -27.57
N PRO A 210 -17.75 -10.63 -26.36
CA PRO A 210 -17.10 -11.51 -25.37
C PRO A 210 -16.39 -12.72 -25.96
N GLY A 211 -15.15 -12.92 -25.55
CA GLY A 211 -14.29 -14.03 -26.03
C GLY A 211 -13.86 -13.80 -27.46
N GLU A 212 -13.52 -12.54 -27.78
CA GLU A 212 -13.27 -12.16 -29.16
C GLU A 212 -11.79 -12.02 -29.50
N THR A 213 -11.49 -12.12 -30.79
CA THR A 213 -10.11 -12.12 -31.27
C THR A 213 -9.87 -11.10 -32.41
N VAL A 214 -8.63 -10.61 -32.51
CA VAL A 214 -8.19 -9.74 -33.61
C VAL A 214 -7.11 -10.43 -34.49
N ASN A 215 -7.49 -10.86 -35.69
CA ASN A 215 -6.56 -11.56 -36.60
C ASN A 215 -6.22 -10.71 -37.84
N ALA A 216 -5.11 -11.02 -38.51
CA ALA A 216 -4.63 -10.22 -39.65
C ALA A 216 -5.80 -9.70 -40.47
N ALA A 217 -6.73 -10.59 -40.77
CA ALA A 217 -7.96 -10.26 -41.49
C ALA A 217 -8.80 -9.23 -40.72
N ARG A 218 -9.17 -9.58 -39.50
CA ARG A 218 -10.02 -8.73 -38.65
C ARG A 218 -9.59 -7.27 -38.63
N TYR A 219 -8.29 -7.04 -38.45
CA TYR A 219 -7.73 -5.69 -38.35
C TYR A 219 -8.00 -4.88 -39.61
N GLN A 220 -7.82 -5.51 -40.76
CA GLN A 220 -8.03 -4.84 -42.04
C GLN A 220 -9.45 -4.31 -42.10
N GLN A 221 -10.42 -5.17 -41.81
CA GLN A 221 -11.82 -4.77 -41.73
C GLN A 221 -11.93 -3.46 -40.97
N GLN A 222 -11.41 -3.46 -39.74
CA GLN A 222 -11.37 -2.29 -38.88
C GLN A 222 -10.69 -1.11 -39.56
N LEU A 223 -9.46 -1.31 -40.03
CA LEU A 223 -8.73 -0.27 -40.73
C LEU A 223 -9.60 0.40 -41.76
N ILE A 224 -10.14 -0.39 -42.69
CA ILE A 224 -10.98 0.10 -43.78
C ILE A 224 -12.21 0.83 -43.22
N ASN A 225 -12.84 0.22 -42.23
CA ASN A 225 -13.94 0.82 -41.51
C ASN A 225 -13.58 2.13 -40.83
N LEU A 226 -12.36 2.20 -40.27
CA LEU A 226 -11.85 3.44 -39.68
C LEU A 226 -11.83 4.54 -40.73
N ASN A 227 -11.24 4.23 -41.89
CA ASN A 227 -11.14 5.20 -42.96
C ASN A 227 -12.51 5.63 -43.43
N ARG A 228 -13.39 4.66 -43.66
CA ARG A 228 -14.79 4.95 -43.99
C ARG A 228 -15.29 6.02 -43.03
N ALA A 229 -15.13 5.76 -41.73
CA ALA A 229 -15.55 6.71 -40.71
C ALA A 229 -14.74 7.99 -40.75
N LEU A 230 -13.48 7.89 -41.14
CA LEU A 230 -12.61 9.04 -41.13
C LEU A 230 -13.05 10.09 -42.15
N GLN A 231 -13.36 9.65 -43.37
CA GLN A 231 -13.73 10.55 -44.46
C GLN A 231 -14.73 11.60 -44.01
N ARG A 232 -15.86 11.16 -43.46
CA ARG A 232 -16.92 12.07 -43.03
C ARG A 232 -16.65 12.80 -41.70
N LYS A 233 -15.87 12.19 -40.80
CA LYS A 233 -15.62 12.78 -39.46
C LYS A 233 -14.54 13.86 -39.44
N ARG A 234 -13.42 13.62 -40.12
CA ARG A 234 -12.40 14.65 -40.35
C ARG A 234 -12.46 15.07 -41.83
N PRO A 235 -13.31 16.08 -42.13
CA PRO A 235 -13.87 16.25 -43.48
C PRO A 235 -12.84 16.23 -44.62
N GLU A 236 -11.59 16.57 -44.32
CA GLU A 236 -10.64 16.93 -45.37
C GLU A 236 -9.17 16.60 -45.06
N TYR A 237 -8.95 15.41 -44.52
CA TYR A 237 -7.58 14.87 -44.50
C TYR A 237 -7.15 14.45 -45.91
N GLN A 241 -5.48 17.69 -48.45
CA GLN A 241 -4.47 18.71 -48.22
C GLN A 241 -3.33 18.19 -47.36
N HIS A 242 -3.63 17.57 -46.22
CA HIS A 242 -2.64 17.07 -45.25
C HIS A 242 -2.72 15.53 -45.00
N ARG A 243 -1.75 14.78 -45.56
CA ARG A 243 -1.69 13.31 -45.42
C ARG A 243 -1.57 12.72 -43.98
N VAL A 244 -2.41 11.72 -43.73
CA VAL A 244 -2.63 11.12 -42.42
C VAL A 244 -1.50 10.19 -41.89
N ILE A 245 -1.12 10.39 -40.62
CA ILE A 245 0.03 9.74 -39.98
C ILE A 245 -0.41 8.77 -38.91
N PHE A 246 -0.10 7.49 -39.10
CA PHE A 246 -0.71 6.42 -38.30
C PHE A 246 0.20 5.78 -37.26
N LEU A 247 -0.19 5.91 -36.00
CA LEU A 247 0.63 5.42 -34.89
C LEU A 247 -0.04 4.27 -34.17
N HIS A 248 0.59 3.10 -34.24
CA HIS A 248 0.05 1.90 -33.62
C HIS A 248 1.16 0.92 -33.22
N ASP A 249 0.89 0.16 -32.16
CA ASP A 249 1.87 -0.75 -31.58
C ASP A 249 2.17 -1.93 -32.49
N ASN A 250 3.35 -2.50 -32.34
CA ASN A 250 3.82 -3.52 -33.25
C ASN A 250 3.27 -4.91 -32.86
N ALA A 251 1.96 -4.95 -32.65
CA ALA A 251 1.25 -6.18 -32.37
C ALA A 251 1.58 -7.19 -33.45
N PRO A 252 1.40 -8.49 -33.15
CA PRO A 252 1.72 -9.50 -34.16
C PRO A 252 0.83 -9.30 -35.39
N SER A 253 -0.37 -8.78 -35.13
CA SER A 253 -1.35 -8.51 -36.16
C SER A 253 -0.99 -7.28 -37.01
N HIS A 254 -0.78 -6.13 -36.35
CA HIS A 254 -0.45 -4.88 -37.04
C HIS A 254 0.87 -4.95 -37.82
N THR A 255 1.74 -5.89 -37.43
CA THR A 255 3.09 -5.94 -37.97
C THR A 255 3.14 -6.79 -39.23
N ALA A 256 2.09 -7.58 -39.44
CA ALA A 256 1.98 -8.51 -40.57
C ALA A 256 1.95 -7.81 -41.94
N ARG A 257 2.41 -8.52 -42.98
CA ARG A 257 2.54 -7.94 -44.34
C ARG A 257 1.18 -7.72 -45.01
N ALA A 258 0.22 -8.59 -44.71
CA ALA A 258 -1.16 -8.41 -45.13
C ALA A 258 -1.61 -6.96 -44.90
N VAL A 259 -1.52 -6.53 -43.63
CA VAL A 259 -1.95 -5.21 -43.18
C VAL A 259 -1.09 -4.11 -43.77
N ARG A 260 0.23 -4.33 -43.79
CA ARG A 260 1.17 -3.42 -44.44
C ARG A 260 0.65 -2.94 -45.80
N ASP A 261 0.17 -3.90 -46.59
CA ASP A 261 -0.43 -3.63 -47.91
C ASP A 261 -1.70 -2.79 -47.82
N THR A 262 -2.60 -3.17 -46.90
CA THR A 262 -3.85 -2.44 -46.66
C THR A 262 -3.62 -1.04 -46.16
N LEU A 263 -2.47 -0.83 -45.52
CA LEU A 263 -2.12 0.49 -45.06
C LEU A 263 -1.58 1.34 -46.21
N GLU A 264 -0.57 0.83 -46.91
CA GLU A 264 0.06 1.59 -48.00
C GLU A 264 -0.90 1.91 -49.14
N THR A 265 -1.95 1.10 -49.29
CA THR A 265 -2.95 1.34 -50.32
C THR A 265 -3.95 2.44 -49.95
N LEU A 266 -4.17 2.65 -48.65
CA LEU A 266 -4.94 3.81 -48.17
C LEU A 266 -4.12 5.08 -48.34
N ASN A 267 -2.88 4.87 -48.77
CA ASN A 267 -1.75 5.71 -48.41
C ASN A 267 -1.87 6.49 -47.09
N TRP A 268 -1.54 5.80 -45.99
CA TRP A 268 -1.26 6.45 -44.73
C TRP A 268 0.20 6.27 -44.43
N GLU A 269 0.78 7.22 -43.71
CA GLU A 269 2.12 7.04 -43.23
C GLU A 269 2.08 6.33 -41.88
N VAL A 270 2.87 5.28 -41.73
CA VAL A 270 3.05 4.65 -40.43
C VAL A 270 4.23 5.29 -39.69
N LEU A 271 3.92 5.83 -38.51
CA LEU A 271 4.91 6.45 -37.64
C LEU A 271 5.78 5.37 -37.05
N PRO A 272 7.11 5.60 -36.96
CA PRO A 272 7.99 4.52 -36.53
C PRO A 272 7.68 4.23 -35.10
N HIS A 273 7.63 2.96 -34.75
CA HIS A 273 7.37 2.63 -33.34
C HIS A 273 8.33 1.64 -32.70
N ALA A 274 8.57 1.83 -31.41
CA ALA A 274 9.48 0.98 -30.67
C ALA A 274 8.74 -0.13 -29.92
N ALA A 275 9.36 -1.29 -29.91
CA ALA A 275 8.91 -2.41 -29.11
C ALA A 275 8.82 -2.04 -27.62
N TYR A 276 7.89 -2.67 -26.91
CA TYR A 276 7.80 -2.56 -25.45
C TYR A 276 7.74 -1.12 -24.92
N SER A 277 6.99 -0.27 -25.62
CA SER A 277 6.98 1.18 -25.36
C SER A 277 5.60 1.83 -25.29
N PRO A 278 4.70 1.29 -24.43
CA PRO A 278 3.35 1.83 -24.29
C PRO A 278 3.36 3.21 -23.68
N ASP A 279 4.41 3.46 -22.88
CA ASP A 279 4.72 4.77 -22.34
C ASP A 279 5.04 5.81 -23.42
N LEU A 280 5.16 5.39 -24.67
CA LEU A 280 5.25 6.35 -25.77
C LEU A 280 3.98 6.36 -26.61
N ALA A 281 2.96 5.60 -26.22
CA ALA A 281 1.80 5.49 -27.07
C ALA A 281 0.57 6.12 -26.44
N PRO A 282 0.10 7.23 -27.01
CA PRO A 282 -0.94 8.09 -26.47
C PRO A 282 -2.14 7.33 -25.94
N SER A 283 -2.64 6.37 -26.71
CA SER A 283 -3.80 5.61 -26.28
C SER A 283 -3.59 4.96 -24.90
N ASP A 284 -2.40 4.43 -24.67
CA ASP A 284 -2.05 3.79 -23.40
C ASP A 284 -1.79 4.78 -22.29
N TYR A 285 -0.82 5.67 -22.43
CA TYR A 285 -0.43 6.48 -21.30
C TYR A 285 -1.37 7.63 -21.06
N HIS A 286 -2.19 8.03 -22.03
CA HIS A 286 -3.17 9.09 -21.76
C HIS A 286 -4.66 8.72 -21.83
N LEU A 287 -5.10 8.08 -22.91
CA LEU A 287 -6.53 7.82 -23.06
C LEU A 287 -7.04 6.75 -22.10
N PHE A 288 -6.45 5.57 -22.15
CA PHE A 288 -6.83 4.48 -21.24
C PHE A 288 -6.55 4.88 -19.81
N ALA A 289 -5.42 5.53 -19.60
CA ALA A 289 -5.02 5.88 -18.25
C ALA A 289 -6.16 6.61 -17.55
N SER A 290 -6.80 7.52 -18.27
CA SER A 290 -8.00 8.16 -17.74
C SER A 290 -9.08 7.11 -17.47
N MET A 291 -9.34 6.26 -18.46
CA MET A 291 -10.42 5.29 -18.37
C MET A 291 -10.30 4.38 -17.17
N GLY A 292 -9.09 3.94 -16.85
CA GLY A 292 -8.85 3.05 -15.70
C GLY A 292 -9.42 3.56 -14.39
N HIS A 293 -9.21 4.84 -14.10
CA HIS A 293 -9.86 5.49 -12.95
C HIS A 293 -11.37 5.40 -13.07
N ALA A 294 -11.85 5.68 -14.29
CA ALA A 294 -13.27 5.76 -14.56
C ALA A 294 -13.97 4.40 -14.53
N LEU A 295 -13.21 3.32 -14.72
CA LEU A 295 -13.76 1.97 -14.76
C LEU A 295 -13.77 1.24 -13.41
N ALA A 296 -13.08 1.80 -12.42
CA ALA A 296 -12.96 1.12 -11.15
C ALA A 296 -14.30 1.04 -10.42
N GLU A 297 -14.45 -0.02 -9.62
CA GLU A 297 -15.65 -0.29 -8.80
C GLU A 297 -16.91 -0.46 -9.64
N GLN A 298 -16.73 -0.44 -10.96
CA GLN A 298 -17.85 -0.49 -11.89
C GLN A 298 -18.09 -1.92 -12.37
N ARG A 299 -19.36 -2.23 -12.62
CA ARG A 299 -19.69 -3.52 -13.25
C ARG A 299 -20.93 -3.52 -14.13
N PHE A 300 -20.73 -3.40 -15.44
CA PHE A 300 -21.81 -3.54 -16.41
C PHE A 300 -22.04 -5.03 -16.58
N ASP A 301 -23.31 -5.43 -16.52
CA ASP A 301 -23.67 -6.85 -16.61
C ASP A 301 -24.04 -7.26 -18.02
N SER A 302 -24.20 -6.28 -18.90
CA SER A 302 -24.52 -6.53 -20.31
C SER A 302 -23.52 -5.85 -21.25
N TYR A 303 -23.17 -6.53 -22.33
CA TYR A 303 -22.26 -5.99 -23.35
C TYR A 303 -22.62 -4.56 -23.81
N GLU A 304 -23.91 -4.29 -23.93
CA GLU A 304 -24.40 -2.99 -24.39
C GLU A 304 -24.30 -1.94 -23.30
N SER A 305 -24.39 -2.37 -22.04
CA SER A 305 -24.13 -1.47 -20.91
C SER A 305 -22.72 -0.91 -21.02
N VAL A 306 -21.78 -1.74 -21.47
CA VAL A 306 -20.42 -1.29 -21.80
C VAL A 306 -20.48 -0.23 -22.90
N LYS A 307 -21.32 -0.45 -23.90
CA LYS A 307 -21.41 0.49 -25.02
C LYS A 307 -22.04 1.80 -24.60
N LYS A 308 -23.13 1.75 -23.84
CA LYS A 308 -23.73 2.98 -23.34
C LYS A 308 -22.70 3.73 -22.50
N TRP A 309 -21.89 2.98 -21.77
CA TRP A 309 -20.89 3.59 -20.91
C TRP A 309 -19.77 4.26 -21.68
N LEU A 310 -19.17 3.52 -22.60
CA LEU A 310 -18.17 4.05 -23.52
C LEU A 310 -18.72 5.25 -24.27
N ASP A 311 -19.86 5.08 -24.92
CA ASP A 311 -20.48 6.16 -25.68
C ASP A 311 -20.62 7.42 -24.82
N GLU A 312 -21.20 7.27 -23.64
CA GLU A 312 -21.38 8.42 -22.76
C GLU A 312 -20.08 8.97 -22.23
N TRP A 313 -19.07 8.10 -22.09
CA TRP A 313 -17.77 8.52 -21.57
C TRP A 313 -17.06 9.44 -22.56
N PHE A 314 -16.91 8.98 -23.80
CA PHE A 314 -16.25 9.75 -24.82
C PHE A 314 -16.97 11.06 -25.10
N ALA A 315 -18.30 11.00 -25.04
CA ALA A 315 -19.16 12.14 -25.31
C ALA A 315 -19.04 13.19 -24.21
N ALA A 316 -18.98 12.72 -22.98
CA ALA A 316 -18.78 13.60 -21.85
C ALA A 316 -17.32 14.00 -21.63
N LYS A 317 -16.38 13.41 -22.38
CA LYS A 317 -15.01 13.90 -22.37
C LYS A 317 -14.99 15.28 -22.96
N ASP A 318 -14.02 16.07 -22.52
CA ASP A 318 -13.81 17.40 -23.05
C ASP A 318 -13.23 17.26 -24.47
N ASP A 319 -13.04 18.38 -25.16
CA ASP A 319 -12.43 18.34 -26.49
C ASP A 319 -10.92 18.39 -26.36
N GLU A 320 -10.45 19.36 -25.56
CA GLU A 320 -9.03 19.59 -25.34
C GLU A 320 -8.30 18.40 -24.69
N PHE A 321 -9.05 17.58 -23.93
CA PHE A 321 -8.49 16.39 -23.25
C PHE A 321 -7.70 15.51 -24.21
N TYR A 322 -8.20 15.35 -25.43
CA TYR A 322 -7.49 14.54 -26.42
C TYR A 322 -6.29 15.30 -26.89
N TRP A 323 -6.47 16.54 -27.36
CA TRP A 323 -5.36 17.40 -27.75
C TRP A 323 -4.18 17.28 -26.79
N ARG A 324 -4.45 17.49 -25.50
CA ARG A 324 -3.43 17.38 -24.47
C ARG A 324 -2.66 16.07 -24.63
N GLY A 325 -3.41 14.96 -24.55
CA GLY A 325 -2.86 13.62 -24.73
C GLY A 325 -1.85 13.59 -25.85
N ILE A 326 -2.31 13.90 -27.06
CA ILE A 326 -1.50 13.82 -28.28
C ILE A 326 -0.33 14.75 -28.20
N HIS A 327 -0.57 15.94 -27.66
CA HIS A 327 0.47 16.96 -27.66
C HIS A 327 1.58 16.73 -26.64
N LYS A 328 1.31 15.83 -25.69
CA LYS A 328 2.33 15.37 -24.76
C LYS A 328 3.54 14.75 -25.46
N LEU A 329 3.27 13.98 -26.54
CA LEU A 329 4.28 13.27 -27.33
C LEU A 329 5.68 13.88 -27.43
N PRO A 330 5.81 15.18 -27.77
CA PRO A 330 7.15 15.64 -28.10
C PRO A 330 8.07 15.59 -26.91
N GLU A 331 7.75 16.31 -25.84
CA GLU A 331 8.65 16.31 -24.67
C GLU A 331 8.65 14.93 -24.01
N ARG A 332 7.58 14.19 -24.28
CA ARG A 332 7.42 12.83 -23.85
C ARG A 332 8.48 11.95 -24.53
N TRP A 333 8.87 12.29 -25.76
CA TRP A 333 10.04 11.70 -26.39
C TRP A 333 11.30 12.32 -25.80
N GLU A 334 11.39 13.65 -25.79
CA GLU A 334 12.57 14.36 -25.24
C GLU A 334 13.01 13.72 -23.93
N LYS A 335 12.05 13.11 -23.24
CA LYS A 335 12.35 12.43 -22.01
C LYS A 335 12.98 11.07 -22.26
N CYS A 336 12.35 10.27 -23.10
CA CYS A 336 12.85 8.93 -23.49
C CYS A 336 14.30 8.98 -23.96
N VAL A 337 14.65 10.04 -24.70
CA VAL A 337 15.98 10.19 -25.24
C VAL A 337 16.97 10.65 -24.16
N ALA A 338 16.48 11.45 -23.23
CA ALA A 338 17.29 11.93 -22.11
C ALA A 338 17.68 10.78 -21.18
N SER A 339 16.99 9.65 -21.33
CA SER A 339 17.27 8.46 -20.56
C SER A 339 18.17 7.51 -21.31
N ASP A 340 18.44 7.86 -22.56
CA ASP A 340 19.16 7.00 -23.50
C ASP A 340 18.45 5.68 -23.62
N GLY A 341 17.16 5.79 -23.88
CA GLY A 341 16.31 4.67 -24.19
C GLY A 341 15.89 3.91 -22.96
N LYS A 342 15.69 4.62 -21.86
CA LYS A 342 15.22 3.98 -20.63
C LYS A 342 13.71 4.18 -20.48
N TYR A 343 13.11 3.60 -19.46
CA TYR A 343 11.84 4.11 -19.06
C TYR A 343 12.13 5.29 -18.14
N PHE A 344 11.86 6.50 -18.62
CA PHE A 344 11.63 7.64 -17.75
C PHE A 344 10.25 7.38 -17.20
N GLU A 345 9.93 7.91 -16.04
CA GLU A 345 8.59 7.69 -15.52
C GLU A 345 7.81 9.01 -15.38
N VAL B 5 13.21 41.37 32.77
CA VAL B 5 12.14 42.09 32.00
C VAL B 5 10.93 41.17 31.74
N PRO B 6 9.92 41.24 32.64
CA PRO B 6 8.96 40.14 32.90
C PRO B 6 7.98 39.82 31.80
N ASN B 7 7.18 38.79 32.06
CA ASN B 7 5.98 38.47 31.29
C ASN B 7 4.86 38.30 32.31
N LYS B 8 3.67 37.89 31.85
CA LYS B 8 2.47 37.80 32.72
C LYS B 8 2.45 36.60 33.68
N GLU B 9 3.49 35.77 33.64
CA GLU B 9 3.54 34.55 34.47
C GLU B 9 4.60 34.65 35.55
N GLN B 10 5.79 35.09 35.13
CA GLN B 10 6.81 35.58 36.02
C GLN B 10 6.18 36.65 36.90
N THR B 11 5.08 37.22 36.42
CA THR B 11 4.33 38.23 37.15
C THR B 11 3.52 37.63 38.29
N ARG B 12 2.90 36.47 38.07
CA ARG B 12 2.20 35.76 39.16
C ARG B 12 3.21 35.17 40.13
N THR B 13 4.36 34.76 39.60
CA THR B 13 5.43 34.23 40.45
C THR B 13 5.94 35.27 41.46
N VAL B 14 6.00 36.54 41.07
CA VAL B 14 6.47 37.59 41.97
C VAL B 14 5.39 37.96 42.98
N LEU B 15 4.15 37.91 42.55
CA LEU B 15 3.02 38.21 43.42
C LEU B 15 2.73 37.09 44.41
N ILE B 16 3.07 35.85 44.05
CA ILE B 16 3.01 34.72 44.99
C ILE B 16 4.07 34.94 46.08
N PHE B 17 5.24 35.43 45.66
CA PHE B 17 6.32 35.76 46.58
C PHE B 17 5.89 36.91 47.47
N CYS B 18 5.63 38.07 46.87
CA CYS B 18 5.26 39.26 47.64
C CYS B 18 4.06 39.03 48.56
N PHE B 19 3.28 38.01 48.26
CA PHE B 19 2.17 37.62 49.09
C PHE B 19 2.71 37.11 50.41
N HIS B 20 3.55 36.09 50.33
CA HIS B 20 4.10 35.45 51.52
C HIS B 20 4.92 36.40 52.40
N LEU B 21 5.49 37.44 51.77
CA LEU B 21 6.19 38.49 52.51
C LEU B 21 5.23 39.48 53.17
N LYS B 22 3.95 39.11 53.24
CA LYS B 22 2.93 39.88 53.96
C LYS B 22 2.73 41.29 53.41
N LYS B 23 3.19 41.52 52.18
CA LYS B 23 2.95 42.78 51.49
C LYS B 23 1.51 42.76 51.00
N THR B 24 0.86 43.93 51.00
CA THR B 24 -0.52 44.05 50.50
C THR B 24 -0.46 44.07 48.98
N ALA B 25 -1.62 44.05 48.34
CA ALA B 25 -1.68 44.13 46.89
C ALA B 25 -1.01 45.41 46.37
N ALA B 26 -1.60 46.55 46.66
CA ALA B 26 -1.09 47.82 46.17
C ALA B 26 0.35 48.07 46.61
N GLU B 27 0.79 47.30 47.60
CA GLU B 27 2.14 47.39 48.15
C GLU B 27 3.15 46.77 47.20
N SER B 28 2.77 45.65 46.60
CA SER B 28 3.65 44.90 45.73
C SER B 28 3.74 45.54 44.37
N HIS B 29 2.74 46.34 44.00
CA HIS B 29 2.81 47.04 42.74
C HIS B 29 3.90 48.08 42.79
N ARG B 30 4.02 48.78 43.92
CA ARG B 30 5.06 49.79 44.09
C ARG B 30 6.43 49.16 43.80
N MET B 31 6.67 47.96 44.35
CA MET B 31 7.93 47.20 44.17
C MET B 31 8.08 46.75 42.73
N LEU B 32 6.98 46.26 42.19
CA LEU B 32 6.89 45.76 40.83
C LEU B 32 7.24 46.85 39.81
N VAL B 33 6.88 48.09 40.14
CA VAL B 33 7.23 49.24 39.32
C VAL B 33 8.73 49.51 39.37
N GLU B 34 9.30 49.59 40.58
CA GLU B 34 10.71 49.94 40.74
C GLU B 34 11.69 48.83 40.28
N ALA B 35 11.23 47.59 40.32
CA ALA B 35 12.05 46.51 39.82
C ALA B 35 12.04 46.50 38.29
N PHE B 36 10.86 46.52 37.71
CA PHE B 36 10.70 46.28 36.28
C PHE B 36 10.11 47.47 35.51
N GLY B 37 10.45 48.69 35.93
CA GLY B 37 9.89 49.90 35.33
C GLY B 37 8.37 49.96 35.32
N GLU B 38 7.82 51.01 34.73
CA GLU B 38 6.38 51.12 34.56
C GLU B 38 5.98 50.40 33.27
N GLN B 39 5.84 49.08 33.37
CA GLN B 39 5.80 48.21 32.20
C GLN B 39 5.02 46.96 32.50
N VAL B 40 4.41 46.92 33.68
CA VAL B 40 3.85 45.71 34.24
C VAL B 40 2.34 45.80 34.28
N PRO B 41 1.66 44.73 34.77
CA PRO B 41 0.20 44.78 34.90
C PRO B 41 -0.28 45.79 35.95
N THR B 42 -1.55 46.17 35.85
CA THR B 42 -2.11 47.21 36.70
C THR B 42 -2.41 46.69 38.09
N VAL B 43 -2.57 47.63 39.02
CA VAL B 43 -2.91 47.34 40.39
C VAL B 43 -4.08 46.34 40.46
N LYS B 44 -5.08 46.57 39.61
CA LYS B 44 -6.32 45.82 39.70
C LYS B 44 -6.09 44.33 39.61
N THR B 45 -5.18 43.92 38.72
CA THR B 45 -4.91 42.50 38.56
C THR B 45 -4.24 41.93 39.80
N CYS B 46 -3.45 42.76 40.47
CA CYS B 46 -2.79 42.35 41.70
C CYS B 46 -3.83 42.05 42.76
N GLU B 47 -4.78 42.98 42.93
CA GLU B 47 -5.91 42.78 43.82
C GLU B 47 -6.61 41.46 43.48
N ARG B 48 -6.96 41.28 42.21
CA ARG B 48 -7.64 40.08 41.72
C ARG B 48 -6.85 38.83 42.07
N TRP B 49 -5.59 38.82 41.67
CA TRP B 49 -4.69 37.75 41.99
C TRP B 49 -4.80 37.42 43.47
N PHE B 50 -4.70 38.45 44.31
CA PHE B 50 -4.63 38.28 45.76
C PHE B 50 -5.79 37.53 46.41
N GLN B 51 -7.00 37.66 45.87
CA GLN B 51 -8.15 36.90 46.37
C GLN B 51 -7.98 35.40 46.08
N ARG B 52 -7.57 35.07 44.85
CA ARG B 52 -7.13 33.71 44.50
C ARG B 52 -6.05 33.25 45.49
N PHE B 53 -5.05 34.11 45.68
CA PHE B 53 -3.96 33.84 46.59
C PHE B 53 -4.38 33.54 48.02
N LYS B 54 -5.53 34.05 48.45
CA LYS B 54 -5.94 33.88 49.84
C LYS B 54 -6.51 32.50 50.16
N SER B 55 -6.84 31.70 49.13
CA SER B 55 -7.40 30.37 49.36
C SER B 55 -7.08 29.35 48.25
N GLY B 56 -5.80 28.99 48.13
CA GLY B 56 -5.34 28.02 47.12
C GLY B 56 -5.15 28.67 45.76
N ASP B 57 -4.10 29.48 45.67
CA ASP B 57 -3.78 30.24 44.44
C ASP B 57 -3.61 29.39 43.18
N PHE B 58 -2.79 28.34 43.32
CA PHE B 58 -2.49 27.29 42.32
C PHE B 58 -2.89 27.58 40.88
N ASP B 59 -2.40 28.68 40.30
CA ASP B 59 -2.52 28.91 38.86
C ASP B 59 -1.72 27.84 38.10
N VAL B 60 -2.40 26.73 37.79
CA VAL B 60 -1.84 25.60 37.03
C VAL B 60 -1.77 26.00 35.55
N ASP B 61 -2.59 26.99 35.21
CA ASP B 61 -2.90 27.39 33.83
C ASP B 61 -3.90 28.57 33.85
N ASP B 62 -3.97 29.33 32.76
CA ASP B 62 -5.16 30.10 32.42
C ASP B 62 -6.30 29.07 32.33
N LYS B 63 -7.39 29.26 33.05
CA LYS B 63 -8.53 28.35 32.94
C LYS B 63 -9.15 28.55 31.54
N GLU B 64 -9.42 27.46 30.81
CA GLU B 64 -9.71 27.50 29.35
C GLU B 64 -10.69 28.59 28.88
N HIS B 65 -10.22 29.48 28.00
CA HIS B 65 -11.07 30.55 27.46
C HIS B 65 -11.91 30.14 26.24
N GLY B 66 -12.63 31.10 25.68
CA GLY B 66 -13.61 30.86 24.63
C GLY B 66 -13.04 30.19 23.39
N LYS B 67 -13.93 29.68 22.56
CA LYS B 67 -13.57 28.99 21.33
C LYS B 67 -14.81 28.89 20.45
N PRO B 68 -14.62 28.79 19.11
CA PRO B 68 -15.74 28.53 18.20
C PRO B 68 -16.46 27.27 18.61
N PRO B 69 -17.76 27.19 18.36
CA PRO B 69 -18.42 25.92 18.67
C PRO B 69 -18.04 24.84 17.65
N LYS B 70 -18.15 23.57 18.04
CA LYS B 70 -17.96 22.48 17.09
C LYS B 70 -19.12 22.47 16.10
N ARG B 71 -18.89 21.96 14.89
CA ARG B 71 -19.95 21.88 13.90
C ARG B 71 -20.63 20.51 13.91
N TYR B 72 -19.83 19.45 13.91
CA TYR B 72 -20.36 18.09 14.05
C TYR B 72 -19.84 17.45 15.31
N GLU B 73 -20.71 16.79 16.05
CA GLU B 73 -20.28 16.05 17.24
C GLU B 73 -19.28 15.00 16.79
N ASP B 74 -18.26 14.75 17.61
CA ASP B 74 -17.41 13.63 17.35
C ASP B 74 -18.29 12.43 17.03
N ALA B 75 -19.14 12.06 17.98
CA ALA B 75 -20.03 10.88 17.89
C ALA B 75 -21.01 10.87 16.70
N GLU B 76 -21.03 11.95 15.93
CA GLU B 76 -21.92 12.08 14.77
C GLU B 76 -21.18 11.74 13.47
N LEU B 77 -19.87 11.95 13.46
CA LEU B 77 -19.00 11.54 12.38
C LEU B 77 -18.80 10.07 12.57
N GLN B 78 -18.96 9.62 13.81
CA GLN B 78 -18.85 8.20 14.08
C GLN B 78 -19.97 7.46 13.41
N ALA B 79 -21.22 7.88 13.65
CA ALA B 79 -22.41 7.21 13.09
C ALA B 79 -22.36 7.04 11.58
N LEU B 80 -21.59 7.90 10.92
CA LEU B 80 -21.32 7.80 9.49
C LEU B 80 -20.49 6.57 9.16
N LEU B 81 -19.51 6.26 10.01
CA LEU B 81 -18.61 5.13 9.79
C LEU B 81 -19.27 3.78 10.09
N ASP B 82 -20.14 3.76 11.09
CA ASP B 82 -20.98 2.61 11.37
C ASP B 82 -21.79 2.22 10.15
N GLU B 83 -22.15 3.22 9.33
CA GLU B 83 -22.82 2.97 8.04
C GLU B 83 -21.81 2.50 7.00
N ASP B 84 -20.82 3.33 6.70
CA ASP B 84 -19.75 2.91 5.81
C ASP B 84 -18.36 3.13 6.37
N ASP B 85 -17.85 2.03 6.90
CA ASP B 85 -16.48 1.80 7.34
C ASP B 85 -15.40 2.44 6.46
N ALA B 86 -15.63 2.39 5.16
CA ALA B 86 -14.61 2.70 4.19
C ALA B 86 -15.08 3.79 3.23
N GLN B 87 -15.18 5.01 3.75
CA GLN B 87 -15.43 6.17 2.91
C GLN B 87 -14.18 6.99 2.82
N THR B 88 -14.19 7.99 1.96
CA THR B 88 -13.05 8.88 1.82
C THR B 88 -13.37 10.18 2.51
N GLN B 89 -12.37 10.88 3.01
CA GLN B 89 -12.66 12.05 3.80
C GLN B 89 -13.54 13.01 3.03
N LYS B 90 -13.17 13.27 1.77
CA LYS B 90 -13.93 14.18 0.91
C LYS B 90 -15.43 13.87 1.02
N GLN B 91 -15.72 12.58 1.11
CA GLN B 91 -17.06 12.05 1.01
C GLN B 91 -17.85 12.22 2.28
N LEU B 92 -17.15 12.12 3.42
CA LEU B 92 -17.75 12.32 4.74
C LEU B 92 -17.97 13.79 4.89
N ALA B 93 -16.88 14.54 4.79
CA ALA B 93 -16.90 15.98 4.73
C ALA B 93 -18.22 16.51 4.15
N GLU B 94 -18.58 16.00 2.97
CA GLU B 94 -19.77 16.44 2.28
C GLU B 94 -21.04 16.30 3.12
N GLN B 95 -21.27 15.10 3.65
CA GLN B 95 -22.44 14.86 4.49
C GLN B 95 -22.35 15.60 5.82
N LEU B 96 -21.11 15.81 6.27
CA LEU B 96 -20.86 16.56 7.49
C LEU B 96 -21.02 18.08 7.30
N GLU B 97 -21.02 18.50 6.04
CA GLU B 97 -21.15 19.90 5.65
C GLU B 97 -19.95 20.66 6.15
N VAL B 98 -18.78 20.28 5.63
CA VAL B 98 -17.52 20.68 6.22
C VAL B 98 -16.35 20.17 5.39
N SER B 99 -15.18 20.75 5.59
CA SER B 99 -14.04 20.51 4.71
C SER B 99 -13.40 19.16 4.91
N GLN B 100 -12.86 18.61 3.82
CA GLN B 100 -12.10 17.38 3.89
C GLN B 100 -11.06 17.57 4.94
N GLN B 101 -10.13 18.51 4.70
CA GLN B 101 -9.06 18.77 5.66
C GLN B 101 -9.60 18.86 7.09
N ALA B 102 -10.81 19.42 7.24
CA ALA B 102 -11.49 19.43 8.53
C ALA B 102 -11.64 18.01 9.08
N VAL B 103 -12.39 17.17 8.37
CA VAL B 103 -12.58 15.78 8.74
C VAL B 103 -11.27 15.08 8.98
N SER B 104 -10.25 15.40 8.19
CA SER B 104 -8.93 14.77 8.32
C SER B 104 -8.46 14.76 9.74
N ASN B 105 -8.70 15.87 10.44
CA ASN B 105 -8.21 16.05 11.79
C ASN B 105 -9.10 15.45 12.83
N ARG B 106 -10.41 15.39 12.63
CA ARG B 106 -11.25 14.71 13.63
C ARG B 106 -11.02 13.23 13.60
N LEU B 107 -10.21 12.81 12.63
CA LEU B 107 -9.91 11.42 12.51
C LEU B 107 -8.73 11.08 13.38
N ARG B 108 -7.72 11.95 13.41
CA ARG B 108 -6.66 11.72 14.39
C ARG B 108 -7.10 12.19 15.77
N GLU B 109 -8.04 13.13 15.83
CA GLU B 109 -8.60 13.60 17.11
C GLU B 109 -9.33 12.45 17.79
N MET B 110 -10.15 11.75 17.01
CA MET B 110 -10.68 10.47 17.45
C MET B 110 -9.59 9.43 17.23
N GLY B 111 -9.90 8.17 17.51
CA GLY B 111 -8.89 7.11 17.44
C GLY B 111 -8.35 6.82 16.05
N LYS B 112 -9.23 6.98 15.05
CA LYS B 112 -9.24 6.18 13.84
C LYS B 112 -8.09 6.31 12.88
N ILE B 113 -7.67 5.16 12.36
CA ILE B 113 -6.64 5.07 11.34
C ILE B 113 -7.22 4.36 10.13
N GLN B 114 -6.48 4.24 9.03
CA GLN B 114 -7.04 3.52 7.88
C GLN B 114 -6.23 2.33 7.47
N LYS B 115 -6.89 1.20 7.29
CA LYS B 115 -6.21 0.00 6.83
C LYS B 115 -6.90 -0.63 5.63
N VAL B 116 -6.12 -1.27 4.75
CA VAL B 116 -6.68 -1.94 3.57
C VAL B 116 -7.42 -3.21 3.95
N GLY B 117 -8.44 -3.53 3.15
CA GLY B 117 -9.28 -4.68 3.42
C GLY B 117 -8.60 -5.94 2.98
N ARG B 118 -9.10 -7.07 3.44
CA ARG B 118 -8.63 -8.34 2.96
C ARG B 118 -9.11 -8.54 1.51
N TRP B 119 -8.39 -9.36 0.74
CA TRP B 119 -8.93 -9.92 -0.49
C TRP B 119 -9.52 -11.26 -0.09
N VAL B 120 -10.66 -11.62 -0.65
CA VAL B 120 -11.28 -12.85 -0.23
C VAL B 120 -11.68 -13.76 -1.41
N PRO B 121 -11.26 -15.04 -1.38
CA PRO B 121 -11.27 -15.97 -2.49
C PRO B 121 -12.45 -15.94 -3.45
N HIS B 122 -13.62 -15.49 -3.00
CA HIS B 122 -14.85 -15.69 -3.77
C HIS B 122 -16.06 -14.95 -3.20
N GLU B 123 -16.93 -14.47 -4.07
CA GLU B 123 -18.24 -14.03 -3.63
C GLU B 123 -19.10 -15.27 -3.30
N LEU B 124 -19.33 -15.51 -2.01
CA LEU B 124 -19.93 -16.77 -1.59
C LEU B 124 -21.44 -16.77 -1.60
N ASN B 125 -22.01 -17.82 -2.18
CA ASN B 125 -23.46 -18.02 -2.26
C ASN B 125 -24.04 -18.38 -0.94
N GLU B 126 -25.23 -17.88 -0.69
CA GLU B 126 -26.01 -18.25 0.49
C GLU B 126 -25.87 -19.75 0.80
N ARG B 127 -25.93 -20.60 -0.23
CA ARG B 127 -25.76 -22.04 -0.02
C ARG B 127 -24.32 -22.41 0.26
N GLN B 128 -23.42 -22.06 -0.65
CA GLN B 128 -21.98 -22.37 -0.51
C GLN B 128 -21.45 -22.03 0.86
N MET B 129 -22.05 -21.02 1.49
CA MET B 129 -21.71 -20.63 2.84
C MET B 129 -22.05 -21.70 3.86
N GLU B 130 -23.20 -22.35 3.71
CA GLU B 130 -23.56 -23.39 4.66
C GLU B 130 -22.96 -24.75 4.30
N ARG B 131 -22.73 -24.98 3.02
CA ARG B 131 -21.93 -26.14 2.59
C ARG B 131 -20.65 -26.20 3.40
N ARG B 132 -20.06 -25.03 3.62
CA ARG B 132 -18.85 -24.93 4.41
C ARG B 132 -19.18 -25.17 5.86
N LYS B 133 -20.09 -24.36 6.41
CA LYS B 133 -20.41 -24.40 7.83
C LYS B 133 -20.48 -25.83 8.28
N ASN B 134 -21.28 -26.60 7.54
CA ASN B 134 -21.49 -28.00 7.83
C ASN B 134 -20.22 -28.78 7.87
N THR B 135 -19.61 -28.96 6.71
CA THR B 135 -18.36 -29.69 6.62
C THR B 135 -17.42 -29.37 7.80
N CYS B 136 -17.24 -28.08 8.14
CA CYS B 136 -16.50 -27.70 9.34
C CYS B 136 -17.23 -28.36 10.51
N GLU B 137 -18.45 -27.90 10.80
CA GLU B 137 -19.30 -28.48 11.83
C GLU B 137 -19.04 -29.97 11.98
N ILE B 138 -19.16 -30.67 10.85
CA ILE B 138 -19.02 -32.12 10.75
C ILE B 138 -17.66 -32.64 11.18
N LEU B 139 -16.60 -32.12 10.57
CA LEU B 139 -15.27 -32.59 10.88
C LEU B 139 -14.97 -32.26 12.33
N LEU B 140 -15.16 -31.00 12.68
CA LEU B 140 -14.91 -30.51 14.02
C LEU B 140 -15.56 -31.40 15.06
N SER B 141 -16.72 -31.98 14.73
CA SER B 141 -17.46 -32.87 15.62
C SER B 141 -16.73 -34.18 15.91
N ARG B 142 -16.22 -34.85 14.88
CA ARG B 142 -15.48 -36.09 15.10
C ARG B 142 -14.12 -35.81 15.76
N TYR B 143 -13.55 -34.64 15.47
CA TYR B 143 -12.33 -34.22 16.15
C TYR B 143 -12.50 -34.15 17.66
N LYS B 144 -13.59 -33.49 18.06
CA LYS B 144 -14.06 -33.45 19.45
C LYS B 144 -14.01 -34.86 20.08
N ARG B 145 -14.56 -35.85 19.38
CA ARG B 145 -14.60 -37.25 19.83
C ARG B 145 -13.21 -37.89 19.98
N LYS B 146 -12.43 -37.88 18.88
CA LYS B 146 -10.96 -38.13 18.92
C LYS B 146 -10.19 -37.57 17.71
N SER B 147 -9.06 -36.92 18.00
CA SER B 147 -8.10 -36.42 17.00
C SER B 147 -7.82 -37.49 15.97
N PHE B 148 -7.72 -37.08 14.71
CA PHE B 148 -7.53 -38.02 13.61
C PHE B 148 -6.65 -37.38 12.58
N LEU B 149 -6.12 -36.20 12.94
CA LEU B 149 -5.19 -35.47 12.09
C LEU B 149 -3.84 -36.18 11.99
N HIS B 150 -3.58 -37.02 12.99
CA HIS B 150 -2.42 -37.86 12.99
C HIS B 150 -2.35 -38.72 11.70
N ARG B 151 -3.50 -39.06 11.13
CA ARG B 151 -3.53 -39.83 9.88
C ARG B 151 -4.17 -39.12 8.67
N ILE B 152 -4.31 -37.81 8.75
CA ILE B 152 -4.80 -37.05 7.63
C ILE B 152 -3.61 -36.67 6.72
N VAL B 153 -3.70 -37.09 5.46
CA VAL B 153 -2.74 -36.69 4.42
C VAL B 153 -3.42 -35.89 3.31
N THR B 154 -2.77 -34.80 2.92
CA THR B 154 -3.39 -33.79 2.08
C THR B 154 -2.43 -33.26 1.01
N GLY B 155 -3.00 -32.72 -0.05
CA GLY B 155 -2.23 -32.13 -1.13
C GLY B 155 -3.06 -31.24 -2.05
N ASP B 156 -2.35 -30.45 -2.86
CA ASP B 156 -2.98 -29.56 -3.82
C ASP B 156 -1.87 -29.07 -4.69
N GLU B 157 -2.20 -28.77 -5.94
CA GLU B 157 -1.28 -28.22 -6.90
C GLU B 157 -1.25 -26.69 -6.80
N LYS B 158 -0.14 -26.09 -7.19
CA LYS B 158 0.00 -24.64 -7.17
C LYS B 158 1.13 -24.26 -8.12
N TRP B 159 1.04 -23.05 -8.68
CA TRP B 159 1.99 -22.58 -9.68
C TRP B 159 3.29 -22.07 -9.10
N ILE B 160 4.39 -22.26 -9.82
CA ILE B 160 5.65 -21.62 -9.47
C ILE B 160 6.15 -20.82 -10.67
N PHE B 161 5.76 -19.55 -10.76
CA PHE B 161 6.30 -18.66 -11.77
C PHE B 161 7.84 -18.67 -11.67
N PHE B 162 8.51 -18.52 -12.82
CA PHE B 162 9.98 -18.55 -12.90
C PHE B 162 10.58 -17.22 -12.48
N VAL B 163 9.85 -16.16 -12.77
CA VAL B 163 10.19 -14.86 -12.24
C VAL B 163 8.97 -14.30 -11.50
N ASN B 164 9.24 -13.83 -10.29
CA ASN B 164 8.24 -13.32 -9.39
C ASN B 164 8.82 -12.05 -8.76
N PRO B 165 8.50 -10.90 -9.35
CA PRO B 165 9.15 -9.80 -8.69
C PRO B 165 8.15 -9.07 -7.82
N LYS B 166 8.63 -8.67 -6.67
CA LYS B 166 7.94 -7.82 -5.70
C LYS B 166 8.26 -6.36 -6.02
N ARG B 167 7.30 -5.49 -5.72
CA ARG B 167 7.51 -4.08 -5.91
C ARG B 167 8.35 -3.55 -4.77
N LYS B 168 9.50 -2.98 -5.10
CA LYS B 168 10.48 -2.55 -4.10
C LYS B 168 10.14 -1.21 -3.46
N LYS B 169 10.23 -1.13 -2.13
CA LYS B 169 9.93 0.11 -1.42
C LYS B 169 11.16 0.73 -0.73
N SER B 170 11.24 2.07 -0.77
CA SER B 170 12.51 2.75 -0.55
C SER B 170 12.51 4.01 0.33
N TYR B 171 13.59 4.20 1.10
CA TYR B 171 13.72 5.34 2.02
C TYR B 171 14.38 6.51 1.33
N VAL B 172 13.60 7.52 1.03
CA VAL B 172 14.15 8.67 0.39
C VAL B 172 13.45 9.94 0.86
N ASP B 173 14.15 11.07 0.79
CA ASP B 173 13.57 12.37 1.13
C ASP B 173 12.21 12.60 0.45
N PRO B 174 11.36 13.47 1.02
CA PRO B 174 10.10 13.71 0.35
C PRO B 174 10.33 14.17 -1.07
N GLY B 175 9.45 13.77 -1.98
CA GLY B 175 9.47 14.26 -3.36
C GLY B 175 10.60 13.70 -4.20
N GLN B 176 11.39 12.82 -3.63
CA GLN B 176 12.45 12.17 -4.38
C GLN B 176 11.92 10.83 -4.88
N PRO B 177 12.55 10.25 -5.90
CA PRO B 177 11.90 9.08 -6.52
C PRO B 177 12.19 7.74 -5.84
N ALA B 178 11.25 6.81 -5.92
CA ALA B 178 11.42 5.52 -5.26
C ALA B 178 12.39 4.63 -6.03
N THR B 179 12.35 3.31 -5.81
CA THR B 179 12.99 2.35 -6.74
C THR B 179 11.92 1.69 -7.62
N SER B 180 12.23 1.50 -8.89
CA SER B 180 11.27 0.96 -9.86
C SER B 180 11.58 -0.49 -10.22
N THR B 181 10.54 -1.28 -10.47
CA THR B 181 10.70 -2.71 -10.67
C THR B 181 9.98 -3.18 -11.92
N ALA B 182 10.65 -3.95 -12.77
CA ALA B 182 10.06 -4.32 -14.05
C ALA B 182 8.96 -5.36 -13.89
N ARG B 183 7.79 -5.04 -14.41
CA ARG B 183 6.59 -5.86 -14.26
C ARG B 183 6.84 -7.32 -14.59
N PRO B 184 6.11 -8.24 -13.94
CA PRO B 184 6.23 -9.66 -14.31
C PRO B 184 5.50 -9.94 -15.62
N ASN B 185 6.05 -10.81 -16.45
CA ASN B 185 5.26 -11.24 -17.61
C ASN B 185 4.04 -12.09 -17.22
N ARG B 186 2.85 -11.59 -17.54
CA ARG B 186 1.56 -12.23 -17.12
C ARG B 186 1.68 -13.74 -17.27
N PHE B 187 2.33 -14.14 -18.37
CA PHE B 187 2.48 -15.53 -18.72
C PHE B 187 3.88 -15.89 -19.19
N GLY B 188 4.82 -15.95 -18.25
CA GLY B 188 6.19 -16.34 -18.57
C GLY B 188 6.29 -17.85 -18.58
N LYS B 189 7.49 -18.36 -18.28
CA LYS B 189 7.67 -19.75 -17.93
C LYS B 189 7.14 -19.98 -16.52
N LYS B 190 6.46 -21.10 -16.33
CA LYS B 190 5.98 -21.52 -15.00
C LYS B 190 5.92 -23.04 -14.91
N THR B 191 6.36 -23.58 -13.79
CA THR B 191 6.19 -25.00 -13.51
C THR B 191 5.05 -25.16 -12.53
N MET B 192 4.43 -26.32 -12.52
CA MET B 192 3.25 -26.49 -11.71
C MET B 192 3.46 -27.57 -10.68
N LEU B 193 3.56 -27.15 -9.43
CA LEU B 193 3.95 -28.05 -8.35
C LEU B 193 2.76 -28.80 -7.76
N CYS B 194 2.82 -30.14 -7.84
CA CYS B 194 1.87 -31.02 -7.16
C CYS B 194 2.57 -31.66 -5.97
N VAL B 195 2.06 -31.43 -4.78
CA VAL B 195 2.70 -31.92 -3.56
C VAL B 195 1.68 -32.52 -2.58
N TRP B 196 2.14 -33.53 -1.84
CA TRP B 196 1.36 -34.16 -0.81
C TRP B 196 2.21 -34.31 0.44
N TRP B 197 1.58 -34.24 1.60
CA TRP B 197 2.27 -34.19 2.89
C TRP B 197 1.31 -34.55 4.01
N ASP B 198 1.89 -34.89 5.17
CA ASP B 198 1.16 -35.11 6.43
C ASP B 198 1.96 -34.48 7.56
N GLN B 199 1.47 -34.58 8.80
CA GLN B 199 2.05 -33.82 9.92
C GLN B 199 3.56 -34.03 10.13
N SER B 200 4.11 -35.01 9.42
CA SER B 200 5.53 -35.39 9.54
C SER B 200 6.40 -34.82 8.40
N GLY B 201 5.74 -34.27 7.39
CA GLY B 201 6.44 -33.65 6.27
C GLY B 201 5.95 -34.13 4.91
N VAL B 202 6.56 -33.58 3.87
CA VAL B 202 6.28 -33.97 2.49
C VAL B 202 6.42 -35.47 2.23
N ILE B 203 5.32 -36.08 1.81
CA ILE B 203 5.28 -37.49 1.44
C ILE B 203 5.85 -37.69 0.04
N TYR B 204 5.34 -36.89 -0.89
CA TYR B 204 5.67 -36.97 -2.31
C TYR B 204 5.34 -35.65 -2.99
N TYR B 205 6.05 -35.38 -4.09
CA TYR B 205 5.76 -34.22 -4.93
C TYR B 205 6.35 -34.43 -6.30
N GLU B 206 5.69 -33.86 -7.30
CA GLU B 206 6.19 -33.88 -8.66
C GLU B 206 6.23 -32.45 -9.16
N LEU B 207 7.18 -32.18 -10.06
CA LEU B 207 7.29 -30.88 -10.70
C LEU B 207 7.06 -30.97 -12.21
N LEU B 208 5.87 -30.57 -12.64
CA LEU B 208 5.45 -30.69 -14.03
C LEU B 208 6.26 -29.80 -14.96
N LYS B 209 6.74 -30.40 -16.06
CA LYS B 209 7.43 -29.68 -17.12
C LYS B 209 6.56 -28.49 -17.57
N PRO B 210 7.19 -27.30 -17.75
CA PRO B 210 6.43 -26.09 -18.11
C PRO B 210 5.29 -26.35 -19.11
N GLY B 211 4.13 -25.74 -18.86
CA GLY B 211 2.94 -25.96 -19.67
C GLY B 211 2.54 -27.42 -19.65
N GLU B 212 2.31 -27.94 -18.45
CA GLU B 212 1.88 -29.34 -18.28
C GLU B 212 0.54 -29.50 -17.53
N THR B 213 -0.36 -30.27 -18.13
CA THR B 213 -1.73 -30.41 -17.63
C THR B 213 -1.85 -31.60 -16.67
N VAL B 214 -2.92 -31.60 -15.87
CA VAL B 214 -3.22 -32.72 -14.97
C VAL B 214 -4.66 -33.23 -15.16
N ASN B 215 -4.80 -34.30 -15.93
CA ASN B 215 -6.12 -34.80 -16.34
C ASN B 215 -6.50 -36.11 -15.66
N ALA B 216 -7.80 -36.39 -15.58
CA ALA B 216 -8.31 -37.49 -14.76
C ALA B 216 -7.28 -38.61 -14.76
N ALA B 217 -6.85 -38.99 -15.96
CA ALA B 217 -5.92 -40.09 -16.15
C ALA B 217 -4.53 -39.85 -15.53
N ARG B 218 -3.99 -38.64 -15.75
CA ARG B 218 -2.66 -38.29 -15.24
C ARG B 218 -2.66 -38.21 -13.74
N TYR B 219 -3.77 -37.77 -13.16
CA TYR B 219 -3.92 -37.63 -11.71
C TYR B 219 -3.77 -38.99 -11.02
N GLN B 220 -4.56 -39.97 -11.46
CA GLN B 220 -4.52 -41.33 -10.95
C GLN B 220 -3.09 -41.81 -10.85
N GLN B 221 -2.39 -41.73 -11.98
CA GLN B 221 -0.98 -42.09 -12.07
C GLN B 221 -0.16 -41.50 -10.93
N GLN B 222 -0.44 -40.24 -10.59
CA GLN B 222 0.23 -39.57 -9.47
C GLN B 222 -0.18 -40.16 -8.12
N LEU B 223 -1.49 -40.25 -7.92
CA LEU B 223 -2.07 -40.81 -6.72
C LEU B 223 -1.40 -42.11 -6.39
N ILE B 224 -1.45 -43.05 -7.34
CA ILE B 224 -0.76 -44.34 -7.22
C ILE B 224 0.69 -44.17 -6.78
N ASN B 225 1.46 -43.37 -7.53
CA ASN B 225 2.87 -43.15 -7.24
C ASN B 225 3.08 -42.57 -5.84
N LEU B 226 2.10 -41.76 -5.42
CA LEU B 226 2.03 -41.23 -4.07
C LEU B 226 1.96 -42.39 -3.07
N ASN B 227 0.95 -43.23 -3.23
CA ASN B 227 0.73 -44.39 -2.38
C ASN B 227 1.92 -45.34 -2.35
N ARG B 228 2.54 -45.52 -3.51
CA ARG B 228 3.73 -46.33 -3.68
C ARG B 228 4.82 -45.82 -2.74
N ALA B 229 4.99 -44.50 -2.74
CA ALA B 229 5.98 -43.88 -1.88
C ALA B 229 5.48 -43.75 -0.43
N LEU B 230 4.18 -43.95 -0.21
CA LEU B 230 3.61 -43.82 1.13
C LEU B 230 3.93 -45.02 2.02
N GLN B 231 3.93 -46.21 1.43
CA GLN B 231 4.22 -47.44 2.17
C GLN B 231 5.70 -47.48 2.53
N ARG B 232 6.50 -46.77 1.76
CA ARG B 232 7.94 -46.67 1.98
C ARG B 232 8.25 -45.60 3.04
N LYS B 233 7.83 -44.36 2.78
CA LYS B 233 8.12 -43.23 3.69
C LYS B 233 7.33 -43.32 5.01
N ARG B 234 6.11 -43.86 4.96
CA ARG B 234 5.29 -44.09 6.16
C ARG B 234 4.90 -45.57 6.28
N PRO B 235 5.80 -46.40 6.84
CA PRO B 235 5.49 -47.83 6.96
C PRO B 235 4.40 -48.05 8.00
N GLU B 236 4.04 -46.99 8.70
CA GLU B 236 3.00 -46.97 9.71
C GLU B 236 1.68 -47.57 9.21
N TYR B 237 1.36 -47.32 7.94
CA TYR B 237 0.06 -47.68 7.37
C TYR B 237 -0.08 -49.14 6.91
N GLN B 238 0.95 -49.95 7.13
CA GLN B 238 0.86 -51.40 6.88
C GLN B 238 0.02 -52.05 7.97
N LYS B 239 0.07 -51.47 9.17
CA LYS B 239 -0.61 -52.02 10.35
C LYS B 239 -2.08 -51.59 10.41
N ARG B 243 -6.09 -46.65 7.91
CA ARG B 243 -6.91 -45.84 7.01
C ARG B 243 -6.34 -44.42 6.84
N VAL B 244 -5.83 -44.16 5.65
CA VAL B 244 -5.30 -42.85 5.30
C VAL B 244 -6.46 -41.91 4.95
N ILE B 245 -6.54 -40.81 5.68
CA ILE B 245 -7.56 -39.84 5.39
C ILE B 245 -7.00 -38.87 4.37
N PHE B 246 -7.62 -38.84 3.20
CA PHE B 246 -7.15 -38.00 2.13
C PHE B 246 -7.96 -36.71 2.11
N LEU B 247 -7.25 -35.59 2.21
CA LEU B 247 -7.87 -34.27 2.08
C LEU B 247 -7.37 -33.56 0.83
N HIS B 248 -8.31 -33.28 -0.08
CA HIS B 248 -7.99 -32.64 -1.36
C HIS B 248 -9.22 -31.95 -1.94
N ASP B 249 -8.98 -31.00 -2.84
CA ASP B 249 -10.02 -30.07 -3.26
C ASP B 249 -10.88 -30.61 -4.40
N ASN B 250 -12.16 -30.24 -4.37
CA ASN B 250 -13.15 -30.64 -5.39
C ASN B 250 -12.77 -30.27 -6.81
N ALA B 251 -11.47 -30.26 -7.11
CA ALA B 251 -10.98 -29.98 -8.46
C ALA B 251 -11.73 -30.89 -9.46
N PRO B 252 -11.97 -30.41 -10.70
CA PRO B 252 -12.71 -31.28 -11.62
C PRO B 252 -11.91 -32.57 -11.95
N SER B 253 -10.58 -32.43 -11.99
CA SER B 253 -9.66 -33.56 -12.12
C SER B 253 -9.72 -34.51 -10.92
N HIS B 254 -9.68 -33.98 -9.70
CA HIS B 254 -9.77 -34.79 -8.48
C HIS B 254 -11.18 -35.33 -8.25
N THR B 255 -12.13 -34.93 -9.09
CA THR B 255 -13.52 -35.18 -8.80
C THR B 255 -14.15 -36.24 -9.74
N ALA B 256 -13.33 -36.71 -10.68
CA ALA B 256 -13.75 -37.61 -11.76
C ALA B 256 -14.21 -38.99 -11.31
N ARG B 257 -15.21 -39.51 -12.02
CA ARG B 257 -15.71 -40.86 -11.85
C ARG B 257 -14.56 -41.87 -11.72
N ALA B 258 -13.58 -41.75 -12.60
CA ALA B 258 -12.43 -42.64 -12.65
C ALA B 258 -11.56 -42.58 -11.39
N VAL B 259 -11.34 -41.36 -10.90
CA VAL B 259 -10.51 -41.13 -9.72
C VAL B 259 -11.20 -41.63 -8.45
N ARG B 260 -12.46 -41.24 -8.30
CA ARG B 260 -13.29 -41.65 -7.17
C ARG B 260 -13.28 -43.16 -7.03
N ASP B 261 -13.27 -43.83 -8.18
CA ASP B 261 -13.25 -45.28 -8.24
C ASP B 261 -11.85 -45.85 -8.10
N THR B 262 -10.84 -45.05 -8.43
CA THR B 262 -9.43 -45.43 -8.21
C THR B 262 -9.13 -45.39 -6.73
N LEU B 263 -9.33 -44.21 -6.14
CA LEU B 263 -9.21 -44.01 -4.71
C LEU B 263 -9.89 -45.15 -3.94
N GLU B 264 -11.11 -45.47 -4.33
CA GLU B 264 -11.92 -46.48 -3.64
C GLU B 264 -11.12 -47.77 -3.40
N THR B 265 -10.46 -48.29 -4.44
CA THR B 265 -9.70 -49.52 -4.34
C THR B 265 -8.23 -49.29 -3.95
N LEU B 266 -7.96 -48.12 -3.37
CA LEU B 266 -6.73 -47.89 -2.59
C LEU B 266 -7.10 -47.99 -1.14
N ASN B 267 -8.41 -47.90 -0.91
CA ASN B 267 -9.02 -47.87 0.41
C ASN B 267 -8.60 -46.69 1.31
N TRP B 268 -8.70 -45.47 0.77
CA TRP B 268 -8.46 -44.25 1.54
C TRP B 268 -9.77 -43.54 1.81
N GLU B 269 -9.92 -42.98 3.01
CA GLU B 269 -11.09 -42.15 3.29
C GLU B 269 -10.82 -40.75 2.77
N VAL B 270 -11.72 -40.25 1.93
CA VAL B 270 -11.66 -38.88 1.46
C VAL B 270 -12.48 -37.93 2.34
N LEU B 271 -11.79 -37.08 3.11
CA LEU B 271 -12.46 -36.09 3.95
C LEU B 271 -13.35 -35.22 3.10
N PRO B 272 -14.57 -34.93 3.58
CA PRO B 272 -15.42 -34.01 2.82
C PRO B 272 -14.72 -32.66 2.80
N HIS B 273 -14.80 -31.96 1.67
CA HIS B 273 -14.11 -30.67 1.56
C HIS B 273 -14.93 -29.68 0.76
N ALA B 274 -15.56 -28.77 1.47
CA ALA B 274 -16.40 -27.73 0.91
C ALA B 274 -15.78 -26.95 -0.26
N ALA B 275 -16.59 -26.73 -1.29
CA ALA B 275 -16.15 -26.02 -2.50
C ALA B 275 -15.78 -24.57 -2.22
N TYR B 276 -14.75 -24.07 -2.92
CA TYR B 276 -14.20 -22.73 -2.71
C TYR B 276 -13.77 -22.48 -1.26
N SER B 277 -12.97 -23.38 -0.71
CA SER B 277 -12.55 -23.20 0.67
C SER B 277 -11.05 -23.34 0.87
N PRO B 278 -10.24 -22.52 0.18
CA PRO B 278 -8.79 -22.74 0.22
C PRO B 278 -8.18 -22.40 1.57
N ASP B 279 -8.82 -21.48 2.29
CA ASP B 279 -8.49 -21.15 3.68
C ASP B 279 -8.79 -22.32 4.61
N LEU B 280 -9.45 -23.34 4.08
CA LEU B 280 -9.84 -24.47 4.89
C LEU B 280 -8.93 -25.68 4.63
N ALA B 281 -8.10 -25.57 3.59
CA ALA B 281 -7.22 -26.66 3.18
C ALA B 281 -5.76 -26.33 3.41
N PRO B 282 -5.10 -27.12 4.27
CA PRO B 282 -3.81 -26.81 4.87
C PRO B 282 -2.77 -26.53 3.82
N SER B 283 -2.73 -27.37 2.79
CA SER B 283 -1.84 -27.18 1.67
C SER B 283 -1.75 -25.69 1.33
N ASP B 284 -2.91 -25.07 1.13
CA ASP B 284 -2.99 -23.69 0.70
C ASP B 284 -2.52 -22.72 1.76
N TYR B 285 -3.37 -22.47 2.75
CA TYR B 285 -3.11 -21.46 3.79
C TYR B 285 -1.81 -21.66 4.58
N HIS B 286 -1.25 -22.87 4.57
CA HIS B 286 -0.04 -23.11 5.34
C HIS B 286 1.23 -23.40 4.54
N LEU B 287 1.18 -24.39 3.65
CA LEU B 287 2.40 -24.79 2.94
C LEU B 287 2.82 -23.78 1.88
N PHE B 288 1.92 -23.50 0.95
CA PHE B 288 2.19 -22.55 -0.12
C PHE B 288 2.38 -21.16 0.45
N ALA B 289 1.59 -20.84 1.47
CA ALA B 289 1.71 -19.57 2.12
C ALA B 289 3.11 -19.39 2.69
N SER B 290 3.71 -20.45 3.21
CA SER B 290 5.07 -20.33 3.67
C SER B 290 5.95 -20.06 2.48
N MET B 291 5.60 -20.73 1.39
CA MET B 291 6.34 -20.64 0.15
C MET B 291 6.22 -19.24 -0.46
N GLY B 292 4.97 -18.75 -0.54
CA GLY B 292 4.64 -17.42 -1.05
C GLY B 292 5.71 -16.41 -0.70
N HIS B 293 6.08 -16.36 0.57
CA HIS B 293 7.17 -15.48 1.00
C HIS B 293 8.50 -15.87 0.38
N ALA B 294 9.04 -17.03 0.75
CA ALA B 294 10.40 -17.35 0.34
C ALA B 294 10.60 -17.50 -1.18
N LEU B 295 9.59 -17.12 -1.97
CA LEU B 295 9.74 -17.10 -3.42
C LEU B 295 10.07 -15.70 -3.96
N ALA B 296 9.78 -14.68 -3.17
CA ALA B 296 9.97 -13.29 -3.58
C ALA B 296 11.37 -13.03 -4.15
N GLU B 297 11.44 -12.14 -5.14
CA GLU B 297 12.71 -11.63 -5.68
C GLU B 297 13.54 -12.75 -6.31
N GLN B 298 13.10 -13.98 -6.10
CA GLN B 298 13.81 -15.15 -6.59
C GLN B 298 13.66 -15.26 -8.09
N ARG B 299 14.69 -15.77 -8.73
CA ARG B 299 14.69 -16.04 -10.17
C ARG B 299 15.03 -17.51 -10.44
N PHE B 300 14.44 -18.07 -11.48
CA PHE B 300 14.74 -19.44 -11.85
C PHE B 300 15.12 -19.52 -13.32
N ASP B 301 16.42 -19.74 -13.56
CA ASP B 301 16.98 -19.77 -14.90
C ASP B 301 16.60 -21.04 -15.64
N SER B 302 16.48 -22.15 -14.90
CA SER B 302 16.03 -23.43 -15.49
C SER B 302 15.23 -24.31 -14.52
N TYR B 303 14.48 -25.24 -15.11
CA TYR B 303 13.59 -26.16 -14.40
C TYR B 303 14.32 -27.04 -13.38
N GLU B 304 15.62 -27.20 -13.57
CA GLU B 304 16.44 -28.00 -12.66
C GLU B 304 16.74 -27.25 -11.37
N SER B 305 16.72 -25.92 -11.46
CA SER B 305 16.88 -25.05 -10.29
C SER B 305 15.66 -25.18 -9.37
N VAL B 306 14.48 -25.26 -9.97
CA VAL B 306 13.24 -25.34 -9.20
C VAL B 306 13.18 -26.67 -8.44
N LYS B 307 13.64 -27.76 -9.07
CA LYS B 307 13.86 -29.01 -8.33
C LYS B 307 14.83 -28.73 -7.19
N LYS B 308 16.00 -28.20 -7.56
CA LYS B 308 17.07 -27.89 -6.61
C LYS B 308 16.53 -27.11 -5.43
N TRP B 309 15.79 -26.05 -5.73
CA TRP B 309 15.25 -25.14 -4.74
C TRP B 309 14.16 -25.78 -3.88
N LEU B 310 13.32 -26.60 -4.48
CA LEU B 310 12.26 -27.25 -3.71
C LEU B 310 12.79 -28.10 -2.56
N ASP B 311 13.80 -28.93 -2.82
CA ASP B 311 14.37 -29.86 -1.82
C ASP B 311 15.03 -29.18 -0.63
N GLU B 312 15.95 -28.26 -0.92
CA GLU B 312 16.61 -27.47 0.10
C GLU B 312 15.57 -26.97 1.09
N TRP B 313 14.44 -26.49 0.54
CA TRP B 313 13.34 -25.95 1.36
C TRP B 313 12.59 -27.04 2.11
N PHE B 314 11.97 -27.97 1.39
CA PHE B 314 11.21 -29.04 2.00
C PHE B 314 11.94 -29.76 3.14
N ALA B 315 13.20 -30.13 2.87
CA ALA B 315 14.05 -30.78 3.87
C ALA B 315 14.49 -29.82 4.99
N ALA B 316 14.50 -28.52 4.69
CA ALA B 316 14.99 -27.54 5.65
C ALA B 316 14.00 -27.22 6.76
N LYS B 317 12.73 -27.55 6.58
CA LYS B 317 11.69 -27.23 7.57
C LYS B 317 11.58 -28.34 8.62
N ASP B 318 11.59 -28.02 9.91
CA ASP B 318 11.39 -29.09 10.91
C ASP B 318 9.94 -29.54 11.02
N ASP B 319 9.79 -30.83 11.27
CA ASP B 319 8.50 -31.48 11.57
C ASP B 319 7.53 -30.59 12.36
N GLU B 320 8.06 -29.78 13.27
CA GLU B 320 7.23 -28.81 13.98
C GLU B 320 6.39 -28.03 12.97
N PHE B 321 7.03 -27.44 11.96
CA PHE B 321 6.35 -26.60 10.96
C PHE B 321 5.16 -27.28 10.32
N TYR B 322 5.36 -28.54 9.94
CA TYR B 322 4.30 -29.32 9.33
C TYR B 322 3.23 -29.68 10.34
N TRP B 323 3.60 -30.38 11.39
CA TRP B 323 2.64 -30.71 12.43
C TRP B 323 1.76 -29.51 12.72
N ARG B 324 2.38 -28.35 12.94
CA ARG B 324 1.63 -27.14 13.22
C ARG B 324 0.58 -26.86 12.15
N GLY B 325 1.03 -26.90 10.90
CA GLY B 325 0.14 -26.61 9.77
C GLY B 325 -1.13 -27.41 9.75
N ILE B 326 -1.02 -28.70 10.00
CA ILE B 326 -2.19 -29.58 10.02
C ILE B 326 -2.99 -29.35 11.29
N HIS B 327 -2.30 -29.06 12.38
CA HIS B 327 -2.99 -28.94 13.63
C HIS B 327 -3.77 -27.64 13.79
N LYS B 328 -3.60 -26.73 12.82
CA LYS B 328 -4.41 -25.51 12.79
C LYS B 328 -5.87 -25.77 12.37
N LEU B 329 -6.11 -26.91 11.72
CA LEU B 329 -7.42 -27.27 11.16
C LEU B 329 -8.62 -27.07 12.07
N PRO B 330 -8.55 -27.59 13.30
CA PRO B 330 -9.70 -27.44 14.18
C PRO B 330 -10.04 -25.99 14.50
N GLU B 331 -9.04 -25.18 14.88
CA GLU B 331 -9.32 -23.77 15.15
C GLU B 331 -9.82 -23.02 13.91
N ARG B 332 -9.54 -23.56 12.73
CA ARG B 332 -10.10 -23.00 11.52
C ARG B 332 -11.56 -23.32 11.44
N TRP B 333 -11.89 -24.61 11.51
CA TRP B 333 -13.29 -25.03 11.51
C TRP B 333 -14.10 -24.37 12.60
N GLU B 334 -13.55 -24.33 13.81
CA GLU B 334 -14.15 -23.59 14.91
C GLU B 334 -14.57 -22.22 14.41
N LYS B 335 -13.66 -21.52 13.73
CA LYS B 335 -13.94 -20.20 13.18
C LYS B 335 -15.02 -20.25 12.10
N CYS B 336 -14.71 -20.92 10.99
CA CYS B 336 -15.67 -21.17 9.90
C CYS B 336 -17.08 -21.40 10.39
N VAL B 337 -17.24 -22.03 11.55
CA VAL B 337 -18.57 -22.36 12.06
C VAL B 337 -19.33 -21.14 12.60
N ALA B 338 -18.70 -20.38 13.49
CA ALA B 338 -19.35 -19.24 14.10
C ALA B 338 -19.07 -17.97 13.28
N SER B 339 -18.75 -18.19 12.00
CA SER B 339 -18.71 -17.13 11.01
C SER B 339 -19.85 -17.41 10.08
N ASP B 340 -20.35 -18.64 10.17
CA ASP B 340 -21.44 -19.14 9.36
C ASP B 340 -20.97 -19.49 7.96
N GLY B 341 -19.66 -19.60 7.81
CA GLY B 341 -19.10 -20.11 6.57
C GLY B 341 -18.45 -19.05 5.73
N LYS B 342 -18.66 -17.79 6.11
CA LYS B 342 -17.98 -16.68 5.47
C LYS B 342 -16.50 -16.84 5.73
N TYR B 343 -15.70 -16.61 4.71
CA TYR B 343 -14.29 -16.61 4.88
C TYR B 343 -14.09 -15.83 6.15
N PHE B 344 -13.45 -16.44 7.13
CA PHE B 344 -13.26 -15.76 8.41
C PHE B 344 -12.11 -14.78 8.33
N GLU B 345 -12.09 -13.83 9.26
CA GLU B 345 -11.00 -12.85 9.28
C GLU B 345 -9.79 -13.46 10.03
N1 5IU C 13 24.08 8.65 30.91
C2 5IU C 13 22.96 9.49 30.77
N3 5IU C 13 22.05 9.55 31.72
C4 5IU C 13 22.13 8.83 32.87
C5 5IU C 13 23.28 7.88 33.13
C6 5IU C 13 24.22 7.89 32.04
O2 5IU C 13 22.84 10.19 29.74
O4 5IU C 13 21.19 9.00 33.67
I5 5IU C 13 23.53 6.67 34.96
C1' 5IU C 13 25.02 8.65 29.74
C2' 5IU C 13 26.23 9.57 29.82
C3' 5IU C 13 27.43 8.73 29.44
C4' 5IU C 13 26.91 7.34 29.23
O3' 5IU C 13 28.08 9.07 28.22
O4' 5IU C 13 25.50 7.35 29.41
C5' 5IU C 13 27.50 6.53 30.32
O5' 5IU C 13 27.37 5.18 29.89
P 5IU C 13 27.60 4.08 31.03
OP1 5IU C 13 28.76 3.24 30.57
OP2 5IU C 13 27.62 4.77 32.39
N1 5IU E 13 -13.37 33.98 17.23
C2 5IU E 13 -12.26 33.62 18.02
N3 5IU E 13 -11.17 34.39 18.03
C4 5IU E 13 -11.06 35.51 17.29
C5 5IU E 13 -12.19 35.99 16.39
C6 5IU E 13 -13.32 35.10 16.44
O2 5IU E 13 -12.30 32.59 18.72
O4 5IU E 13 -9.99 36.14 17.40
I5 5IU E 13 -12.11 37.79 15.17
C1' 5IU E 13 -14.53 33.04 17.27
C2' 5IU E 13 -15.38 33.11 18.53
C3' 5IU E 13 -16.82 33.17 18.04
C4' 5IU E 13 -16.75 32.83 16.59
O3' 5IU E 13 -17.67 32.17 18.59
O4' 5IU E 13 -15.44 33.20 16.17
C5' 5IU E 13 -17.80 33.62 15.84
O5' 5IU E 13 -17.21 33.93 14.59
P 5IU E 13 -17.47 35.34 13.90
OP1 5IU E 13 -18.92 35.30 13.51
OP2 5IU E 13 -16.91 36.44 14.76
N1 5IU G 13 -25.50 -47.72 -35.96
C2 5IU G 13 -26.40 -47.60 -34.85
N3 5IU G 13 -27.57 -46.94 -34.97
C4 5IU G 13 -27.93 -46.40 -36.13
C5 5IU G 13 -27.01 -46.52 -37.30
C6 5IU G 13 -25.83 -47.20 -37.14
O2 5IU G 13 -26.12 -48.10 -33.74
O4 5IU G 13 -29.01 -45.79 -36.25
I5 5IU G 13 -27.43 -45.71 -39.17
C1' 5IU G 13 -24.22 -48.43 -35.86
C2' 5IU G 13 -24.48 -49.90 -36.17
C3' 5IU G 13 -23.92 -50.12 -37.55
C4' 5IU G 13 -22.93 -48.99 -37.78
O3' 5IU G 13 -23.29 -51.41 -37.59
O4' 5IU G 13 -23.27 -47.97 -36.83
C5' 5IU G 13 -23.02 -48.41 -39.19
O5' 5IU G 13 -21.88 -47.58 -39.42
P 5IU G 13 -22.00 -46.00 -39.72
OP1 5IU G 13 -20.60 -45.46 -39.92
OP2 5IU G 13 -23.03 -45.78 -40.79
MN MN I . -1.82 -3.08 -27.87
S SO4 J . -16.69 29.97 7.67
O1 SO4 J . -17.48 30.75 6.71
O2 SO4 J . -17.58 29.07 8.40
O3 SO4 J . -15.68 29.21 6.94
O4 SO4 J . -16.04 30.89 8.61
S SO4 K . 23.64 -1.52 25.42
O1 SO4 K . 24.92 -0.82 25.28
O2 SO4 K . 22.53 -0.59 25.19
O3 SO4 K . 23.60 -2.62 24.46
O4 SO4 K . 23.51 -2.09 26.76
#